data_3SSI
# 
_entry.id   3SSI 
# 
_audit_conform.dict_name       mmcif_pdbx.dic 
_audit_conform.dict_version    5.399 
_audit_conform.dict_location   http://mmcif.pdb.org/dictionaries/ascii/mmcif_pdbx.dic 
# 
loop_
_database_2.database_id 
_database_2.database_code 
_database_2.pdbx_database_accession 
_database_2.pdbx_DOI 
PDB   3SSI         pdb_00003ssi 10.2210/pdb3ssi/pdb 
WWPDB D_1000179157 ?            ?                   
# 
loop_
_pdbx_audit_revision_history.ordinal 
_pdbx_audit_revision_history.data_content_type 
_pdbx_audit_revision_history.major_revision 
_pdbx_audit_revision_history.minor_revision 
_pdbx_audit_revision_history.revision_date 
1 'Structure model' 1 0 1996-08-17 
2 'Structure model' 1 1 2008-03-25 
3 'Structure model' 1 2 2011-07-13 
4 'Structure model' 1 3 2024-06-05 
5 'Structure model' 1 4 2024-11-20 
# 
_pdbx_audit_revision_details.ordinal             1 
_pdbx_audit_revision_details.revision_ordinal    1 
_pdbx_audit_revision_details.data_content_type   'Structure model' 
_pdbx_audit_revision_details.provider            repository 
_pdbx_audit_revision_details.type                'Initial release' 
_pdbx_audit_revision_details.description         ? 
_pdbx_audit_revision_details.details             ? 
# 
loop_
_pdbx_audit_revision_group.ordinal 
_pdbx_audit_revision_group.revision_ordinal 
_pdbx_audit_revision_group.data_content_type 
_pdbx_audit_revision_group.group 
1 2 'Structure model' 'Version format compliance' 
2 3 'Structure model' 'Version format compliance' 
3 4 'Structure model' 'Data collection'           
4 4 'Structure model' 'Database references'       
5 4 'Structure model' Other                       
6 5 'Structure model' 'Structure summary'         
# 
loop_
_pdbx_audit_revision_category.ordinal 
_pdbx_audit_revision_category.revision_ordinal 
_pdbx_audit_revision_category.data_content_type 
_pdbx_audit_revision_category.category 
1 4 'Structure model' chem_comp_atom            
2 4 'Structure model' chem_comp_bond            
3 4 'Structure model' database_2                
4 4 'Structure model' pdbx_database_status      
5 5 'Structure model' pdbx_entry_details        
6 5 'Structure model' pdbx_modification_feature 
# 
loop_
_pdbx_audit_revision_item.ordinal 
_pdbx_audit_revision_item.revision_ordinal 
_pdbx_audit_revision_item.data_content_type 
_pdbx_audit_revision_item.item 
1 4 'Structure model' '_database_2.pdbx_DOI'                
2 4 'Structure model' '_database_2.pdbx_database_accession' 
3 4 'Structure model' '_pdbx_database_status.process_site'  
# 
_pdbx_database_PDB_obs_spr.id               SPRSDE 
_pdbx_database_PDB_obs_spr.date             1996-08-17 
_pdbx_database_PDB_obs_spr.pdb_id           3SSI 
_pdbx_database_PDB_obs_spr.replace_pdb_id   2SSI 
_pdbx_database_PDB_obs_spr.details          ? 
# 
_pdbx_database_status.status_code                     REL 
_pdbx_database_status.entry_id                        3SSI 
_pdbx_database_status.recvd_initial_deposition_date   1996-03-01 
_pdbx_database_status.deposit_site                    ? 
_pdbx_database_status.process_site                    BNL 
_pdbx_database_status.SG_entry                        . 
_pdbx_database_status.pdb_format_compatible           Y 
_pdbx_database_status.status_code_mr                  ? 
_pdbx_database_status.status_code_sf                  ? 
_pdbx_database_status.status_code_cs                  ? 
_pdbx_database_status.status_code_nmr_data            ? 
_pdbx_database_status.methods_development_category    ? 
# 
loop_
_audit_author.name 
_audit_author.pdbx_ordinal 
'Suzuki, T.' 1 
'Nonaka, T.' 2 
'Mitsui, Y.' 3 
# 
loop_
_citation.id 
_citation.title 
_citation.journal_abbrev 
_citation.journal_volume 
_citation.page_first 
_citation.page_last 
_citation.year 
_citation.journal_id_ASTM 
_citation.country 
_citation.journal_id_ISSN 
_citation.journal_id_CSD 
_citation.book_publisher 
_citation.pdbx_database_id_PubMed 
_citation.pdbx_database_id_DOI 
primary 'Structural Modulation of the Protein Proteinase Inhibitor Ssi (Streptomyces Subtilisin Inhibitor)' 'To be Published' ?   
?    ? ?    ?      ?  ?             0353 ?                                         ? ? 
1       'Crystal Structure of an Engineered Subtilisin Inhibitor Complexed with Bovine Trypsin' Proc.Natl.Acad.Sci.USA 89  4407 ? 
1992 PNASA6 US 0027-8424     0040 ?                                         ? ? 
2       
;Refined Crystal Structure of the Complex of Subtilisin Bpn' and Streptomyces Subtilisin Inhibitor at 1.8 A Resolution
;
J.Mol.Biol.                                                                       221 309  ? 1991 JMOBAK UK 0022-2836     0070 ? ? 
? 
3       
;Molecular Recognition at the Active Site of Subtilisin Bpn': Crystallographic Studies Using Genetically Engineered Proteinaceous Inhibitor Ssi (Streptomyces Subtilisin Inhibitor)
;
'Protein Eng.'                                                                    4   501  ? 1991 PRENE9 UK 0269-2139     0859 ? ? 
? 
4       
;Interactions of Streptomyces Subtilisin Inhibitor with Streptomyces Griseus Proteases a and B. Enzyme Kinetic and Computer Simulation Studies
;
'J.Biochem.(Tokyo)'                                                               98  1263 ? 1985 JOBIAO JA 0021-924X     0418 ? ? 
? 
6       
;Crystal Structure at 2.6 A Resolution of the Complex of Subtilisin Bpn' with Streptomyces Subtilisin Inhibitor
;
J.Mol.Biol.                                                                       178 389  ? 1984 JMOBAK UK 0022-2836     0070 ? ? 
? 
7       
'Solvent Accessibility and Microenvironment in a Bacterial Protein Proteinase Inhibitor Ssi (Streptomyces Subtilisin Inhibitor)' 
'J.Biochem.(Tokyo)'                                                               88  1739 ? 1980 JOBIAO JA 0021-924X     0418 ? ? 
? 
8       
;Crystal Structure of the Complex of Subtilisin Bpn' with its Protein Inhibitor Streptomyces Subtilisin Inhibitor. The Structure at 4.3 Angstroms Resolution
;
J.Mol.Biol.                                                                       131 855  ? 1979 JMOBAK UK 0022-2836     0070 ? ? 
? 
9       'Crystal Structure of a Bacterial Protein Proteinase Inhibitor (Streptomyces Subtilisin Inhibitor) at 2.6 A Resolution' 
J.Mol.Biol.                                                                       131 697  ? 1979 JMOBAK UK 0022-2836     0070 ? ? 
? 
10      'Crystal Structures of Streptomyces Subtilisin Inhibitor and its Complex with Subtilisin Bpn' Nature 277 447  ? 1979 
NATUAS UK 0028-0836     0006 ?                                         ? ? 
11      'Crystal Structure of a Protein Proteinase Inhibitor, Ssi (Streptomyces Subtilisin Inhibitor), at 4 A Resolution' 
'J.Biochem.(Tokyo)'                                                               84  897  ? 1978 JOBIAO JA 0021-924X     0418 ? ? 
? 
12      'Crystal Structure of a Protein Proteinase Inhibitor, Streptomyces Subtilisin Inhibitor, at 2.3 Angstrom Resolution' 
'J.Biochem.(Tokyo)'                                                               82  295  ? 1977 JOBIAO JA 0021-924X     0418 ? ? 
? 
13      
'Crystallization and Preliminary X-Ray Investigation of a New Alkaline Protease Inhibitor and its Complex with Subtilisin Bpn' 
J.Mol.Biol.                                                                       75  745  ? 1973 JMOBAK UK 0022-2836     0070 ? ? 
? 
5       ? 'Protein Protease Inhibitor: The Case of Streptomyces Subtilisin Inhibitor (Ssi)' ?   ?    ? 1985 ?      ?  
0-444-80597-4 2087 'Amsterdam : Elsevier Science Publishers' ? ? 
# 
loop_
_citation_author.citation_id 
_citation_author.name 
_citation_author.ordinal 
_citation_author.identifier_ORCID 
primary 'Suzuki, T.'      1  ? 
1       'Takeuchi, Y.'    2  ? 
1       'Nonaka, T.'      3  ? 
1       'Nakamura, K.T.'  4  ? 
1       'Kojima, S.'      5  ? 
1       'Miura, K.'       6  ? 
1       'Mitsui, Y.'      7  ? 
2       'Takeuchi, Y.'    8  ? 
2       'Satow, Y.'       9  ? 
2       'Nakamura, K.T.'  10 ? 
2       'Mitsui, Y.'      11 ? 
3       'Takeuchi, Y.'    12 ? 
3       'Noguchi, S.'     13 ? 
3       'Satow, Y.'       14 ? 
3       'Kojima, S.'      15 ? 
3       'Kumagai, I.'     16 ? 
3       'Miura, K.'       17 ? 
3       'Nakamura, K.T.'  18 ? 
3       'Mitsui, Y.'      19 ? 
4       'Christensen, U.' 20 ? 
4       'Ishida, S.'      21 ? 
4       'Ishii, S.'       22 ? 
4       'Mitsui, Y.'      23 ? 
4       'Iitaka, Y.'      24 ? 
4       'Mcclarin, J.'    25 ? 
4       'Langridge, R.'   26 ? 
6       'Hirono, S.'      27 ? 
6       'Akagawa, H.'     28 ? 
6       'Mitsui, Y.'      29 ? 
6       'Iitaka, Y.'      30 ? 
7       'Satow, Y.'       31 ? 
7       'Watanabe, Y.'    32 ? 
7       'Mitsui, Y.'      33 ? 
8       'Hirono, S.'      34 ? 
8       'Nakamura, K.T.'  35 ? 
8       'Iitaka, Y.'      36 ? 
8       'Mitsui, Y.'      37 ? 
9       'Mitsui, Y.'      38 ? 
9       'Satow, Y.'       39 ? 
9       'Watanabe, Y.'    40 ? 
9       'Iitaka, Y.'      41 ? 
10      'Mitsui, Y.'      42 ? 
10      'Satow, Y.'       43 ? 
10      'Watanabe, Y.'    44 ? 
10      'Hirono, S.'      45 ? 
10      'Iitaka, Y.'      46 ? 
11      'Satow, Y.'       47 ? 
11      'Mitsui, Y.'      48 ? 
11      'Iitaka, Y.'      49 ? 
12      'Mitsui, Y.'      50 ? 
12      'Satow, Y.'       51 ? 
12      'Sakamaki, T.'    52 ? 
12      'Iitaka, Y.'      53 ? 
13      'Satow, Y.'       54 ? 
13      'Mitsui, Y.'      55 ? 
13      'Iitaka, Y.'      56 ? 
13      'Murao, S.'       57 ? 
13      'Sato, S.'        58 ? 
# 
loop_
_citation_editor.citation_id 
_citation_editor.name 
_citation_editor.ordinal 
5 'Hiromi, K.'   1 
5 'Akasaka, K.'  2 
5 'Mitsui, Y.'   3 
5 'Tonomura, B.' 4 
5 'Murao, S.'    5 
# 
loop_
_entity.id 
_entity.type 
_entity.src_method 
_entity.pdbx_description 
_entity.formula_weight 
_entity.pdbx_number_of_molecules 
_entity.pdbx_ec 
_entity.pdbx_mutation 
_entity.pdbx_fragment 
_entity.details 
1 polymer nat 'STREPTOMYCES SUBTILISIN INHIBITOR' 11494.929 1  ? ? ? ? 
2 water   nat water                               18.015    31 ? ? ? ? 
# 
_entity_name_com.entity_id   1 
_entity_name_com.name        SSI 
# 
_entity_poly.entity_id                      1 
_entity_poly.type                           'polypeptide(L)' 
_entity_poly.nstd_linkage                   no 
_entity_poly.nstd_monomer                   no 
_entity_poly.pdbx_seq_one_letter_code       
;DAPSALYAPSALVLTVGKGVSATTAAPERAVTLTCAPGPSGTHPAAGSACADLAAVGGDLNALTRGEDVMCPMVYDPVLL
TVDGVWQGKRVSYERVFSNECEMNAHGSSVFAF
;
_entity_poly.pdbx_seq_one_letter_code_can   
;DAPSALYAPSALVLTVGKGVSATTAAPERAVTLTCAPGPSGTHPAAGSACADLAAVGGDLNALTRGEDVMCPMVYDPVLL
TVDGVWQGKRVSYERVFSNECEMNAHGSSVFAF
;
_entity_poly.pdbx_strand_id                 A 
_entity_poly.pdbx_target_identifier         ? 
# 
_pdbx_entity_nonpoly.entity_id   2 
_pdbx_entity_nonpoly.name        water 
_pdbx_entity_nonpoly.comp_id     HOH 
# 
loop_
_entity_poly_seq.entity_id 
_entity_poly_seq.num 
_entity_poly_seq.mon_id 
_entity_poly_seq.hetero 
1 1   ASP n 
1 2   ALA n 
1 3   PRO n 
1 4   SER n 
1 5   ALA n 
1 6   LEU n 
1 7   TYR n 
1 8   ALA n 
1 9   PRO n 
1 10  SER n 
1 11  ALA n 
1 12  LEU n 
1 13  VAL n 
1 14  LEU n 
1 15  THR n 
1 16  VAL n 
1 17  GLY n 
1 18  LYS n 
1 19  GLY n 
1 20  VAL n 
1 21  SER n 
1 22  ALA n 
1 23  THR n 
1 24  THR n 
1 25  ALA n 
1 26  ALA n 
1 27  PRO n 
1 28  GLU n 
1 29  ARG n 
1 30  ALA n 
1 31  VAL n 
1 32  THR n 
1 33  LEU n 
1 34  THR n 
1 35  CYS n 
1 36  ALA n 
1 37  PRO n 
1 38  GLY n 
1 39  PRO n 
1 40  SER n 
1 41  GLY n 
1 42  THR n 
1 43  HIS n 
1 44  PRO n 
1 45  ALA n 
1 46  ALA n 
1 47  GLY n 
1 48  SER n 
1 49  ALA n 
1 50  CYS n 
1 51  ALA n 
1 52  ASP n 
1 53  LEU n 
1 54  ALA n 
1 55  ALA n 
1 56  VAL n 
1 57  GLY n 
1 58  GLY n 
1 59  ASP n 
1 60  LEU n 
1 61  ASN n 
1 62  ALA n 
1 63  LEU n 
1 64  THR n 
1 65  ARG n 
1 66  GLY n 
1 67  GLU n 
1 68  ASP n 
1 69  VAL n 
1 70  MET n 
1 71  CYS n 
1 72  PRO n 
1 73  MET n 
1 74  VAL n 
1 75  TYR n 
1 76  ASP n 
1 77  PRO n 
1 78  VAL n 
1 79  LEU n 
1 80  LEU n 
1 81  THR n 
1 82  VAL n 
1 83  ASP n 
1 84  GLY n 
1 85  VAL n 
1 86  TRP n 
1 87  GLN n 
1 88  GLY n 
1 89  LYS n 
1 90  ARG n 
1 91  VAL n 
1 92  SER n 
1 93  TYR n 
1 94  GLU n 
1 95  ARG n 
1 96  VAL n 
1 97  PHE n 
1 98  SER n 
1 99  ASN n 
1 100 GLU n 
1 101 CYS n 
1 102 GLU n 
1 103 MET n 
1 104 ASN n 
1 105 ALA n 
1 106 HIS n 
1 107 GLY n 
1 108 SER n 
1 109 SER n 
1 110 VAL n 
1 111 PHE n 
1 112 ALA n 
1 113 PHE n 
# 
_entity_src_nat.entity_id                  1 
_entity_src_nat.pdbx_src_id                1 
_entity_src_nat.pdbx_alt_source_flag       sample 
_entity_src_nat.pdbx_beg_seq_num           ? 
_entity_src_nat.pdbx_end_seq_num           ? 
_entity_src_nat.common_name                ? 
_entity_src_nat.pdbx_organism_scientific   'Streptomyces albogriseolus' 
_entity_src_nat.pdbx_ncbi_taxonomy_id      1887 
_entity_src_nat.genus                      Streptomyces 
_entity_src_nat.species                    ? 
_entity_src_nat.strain                     S-3253 
_entity_src_nat.tissue                     ? 
_entity_src_nat.tissue_fraction            ? 
_entity_src_nat.pdbx_secretion             ? 
_entity_src_nat.pdbx_fragment              ? 
_entity_src_nat.pdbx_variant               ? 
_entity_src_nat.pdbx_cell_line             ? 
_entity_src_nat.pdbx_atcc                  ? 
_entity_src_nat.pdbx_cellular_location     ? 
_entity_src_nat.pdbx_organ                 ? 
_entity_src_nat.pdbx_organelle             ? 
_entity_src_nat.pdbx_cell                  ? 
_entity_src_nat.pdbx_plasmid_name          ? 
_entity_src_nat.pdbx_plasmid_details       ? 
_entity_src_nat.details                    ? 
# 
loop_
_chem_comp.id 
_chem_comp.type 
_chem_comp.mon_nstd_flag 
_chem_comp.name 
_chem_comp.pdbx_synonyms 
_chem_comp.formula 
_chem_comp.formula_weight 
ALA 'L-peptide linking' y ALANINE         ? 'C3 H7 N O2'     89.093  
ARG 'L-peptide linking' y ARGININE        ? 'C6 H15 N4 O2 1' 175.209 
ASN 'L-peptide linking' y ASPARAGINE      ? 'C4 H8 N2 O3'    132.118 
ASP 'L-peptide linking' y 'ASPARTIC ACID' ? 'C4 H7 N O4'     133.103 
CYS 'L-peptide linking' y CYSTEINE        ? 'C3 H7 N O2 S'   121.158 
GLN 'L-peptide linking' y GLUTAMINE       ? 'C5 H10 N2 O3'   146.144 
GLU 'L-peptide linking' y 'GLUTAMIC ACID' ? 'C5 H9 N O4'     147.129 
GLY 'peptide linking'   y GLYCINE         ? 'C2 H5 N O2'     75.067  
HIS 'L-peptide linking' y HISTIDINE       ? 'C6 H10 N3 O2 1' 156.162 
HOH non-polymer         . WATER           ? 'H2 O'           18.015  
LEU 'L-peptide linking' y LEUCINE         ? 'C6 H13 N O2'    131.173 
LYS 'L-peptide linking' y LYSINE          ? 'C6 H15 N2 O2 1' 147.195 
MET 'L-peptide linking' y METHIONINE      ? 'C5 H11 N O2 S'  149.211 
PHE 'L-peptide linking' y PHENYLALANINE   ? 'C9 H11 N O2'    165.189 
PRO 'L-peptide linking' y PROLINE         ? 'C5 H9 N O2'     115.130 
SER 'L-peptide linking' y SERINE          ? 'C3 H7 N O3'     105.093 
THR 'L-peptide linking' y THREONINE       ? 'C4 H9 N O3'     119.119 
TRP 'L-peptide linking' y TRYPTOPHAN      ? 'C11 H12 N2 O2'  204.225 
TYR 'L-peptide linking' y TYROSINE        ? 'C9 H11 N O3'    181.189 
VAL 'L-peptide linking' y VALINE          ? 'C5 H11 N O2'    117.146 
# 
loop_
_pdbx_poly_seq_scheme.asym_id 
_pdbx_poly_seq_scheme.entity_id 
_pdbx_poly_seq_scheme.seq_id 
_pdbx_poly_seq_scheme.mon_id 
_pdbx_poly_seq_scheme.ndb_seq_num 
_pdbx_poly_seq_scheme.pdb_seq_num 
_pdbx_poly_seq_scheme.auth_seq_num 
_pdbx_poly_seq_scheme.pdb_mon_id 
_pdbx_poly_seq_scheme.auth_mon_id 
_pdbx_poly_seq_scheme.pdb_strand_id 
_pdbx_poly_seq_scheme.pdb_ins_code 
_pdbx_poly_seq_scheme.hetero 
A 1 1   ASP 1   1   ?   ?   ?   A . n 
A 1 2   ALA 2   2   ?   ?   ?   A . n 
A 1 3   PRO 3   3   ?   ?   ?   A . n 
A 1 4   SER 4   4   ?   ?   ?   A . n 
A 1 5   ALA 5   5   ?   ?   ?   A . n 
A 1 6   LEU 6   6   6   LEU LEU A . n 
A 1 7   TYR 7   7   7   TYR TYR A . n 
A 1 8   ALA 8   8   8   ALA ALA A . n 
A 1 9   PRO 9   9   9   PRO PRO A . n 
A 1 10  SER 10  10  10  SER SER A . n 
A 1 11  ALA 11  11  11  ALA ALA A . n 
A 1 12  LEU 12  12  12  LEU LEU A . n 
A 1 13  VAL 13  13  13  VAL VAL A . n 
A 1 14  LEU 14  14  14  LEU LEU A . n 
A 1 15  THR 15  15  15  THR THR A . n 
A 1 16  VAL 16  16  16  VAL VAL A . n 
A 1 17  GLY 17  17  17  GLY GLY A . n 
A 1 18  LYS 18  18  18  LYS LYS A . n 
A 1 19  GLY 19  19  19  GLY GLY A . n 
A 1 20  VAL 20  20  20  VAL VAL A . n 
A 1 21  SER 21  21  21  SER SER A . n 
A 1 22  ALA 22  22  22  ALA ALA A . n 
A 1 23  THR 23  23  23  THR THR A . n 
A 1 24  THR 24  24  24  THR THR A . n 
A 1 25  ALA 25  25  25  ALA ALA A . n 
A 1 26  ALA 26  26  26  ALA ALA A . n 
A 1 27  PRO 27  27  27  PRO PRO A . n 
A 1 28  GLU 28  28  28  GLU GLU A . n 
A 1 29  ARG 29  29  29  ARG ARG A . n 
A 1 30  ALA 30  30  30  ALA ALA A . n 
A 1 31  VAL 31  31  31  VAL VAL A . n 
A 1 32  THR 32  32  32  THR THR A . n 
A 1 33  LEU 33  33  33  LEU LEU A . n 
A 1 34  THR 34  34  34  THR THR A . n 
A 1 35  CYS 35  35  35  CYS CYS A . n 
A 1 36  ALA 36  36  36  ALA ALA A . n 
A 1 37  PRO 37  37  37  PRO PRO A . n 
A 1 38  GLY 38  38  38  GLY GLY A . n 
A 1 39  PRO 39  39  39  PRO PRO A . n 
A 1 40  SER 40  40  40  SER SER A . n 
A 1 41  GLY 41  41  41  GLY GLY A . n 
A 1 42  THR 42  42  42  THR THR A . n 
A 1 43  HIS 43  43  43  HIS HIS A . n 
A 1 44  PRO 44  44  44  PRO PRO A . n 
A 1 45  ALA 45  45  45  ALA ALA A . n 
A 1 46  ALA 46  46  46  ALA ALA A . n 
A 1 47  GLY 47  47  47  GLY GLY A . n 
A 1 48  SER 48  48  48  SER SER A . n 
A 1 49  ALA 49  49  49  ALA ALA A . n 
A 1 50  CYS 50  50  50  CYS CYS A . n 
A 1 51  ALA 51  51  51  ALA ALA A . n 
A 1 52  ASP 52  52  52  ASP ASP A . n 
A 1 53  LEU 53  53  53  LEU LEU A . n 
A 1 54  ALA 54  54  54  ALA ALA A . n 
A 1 55  ALA 55  55  55  ALA ALA A . n 
A 1 56  VAL 56  56  56  VAL VAL A . n 
A 1 57  GLY 57  57  57  GLY GLY A . n 
A 1 58  GLY 58  58  58  GLY GLY A . n 
A 1 59  ASP 59  59  59  ASP ASP A . n 
A 1 60  LEU 60  60  60  LEU LEU A . n 
A 1 61  ASN 61  61  61  ASN ASN A . n 
A 1 62  ALA 62  62  62  ALA ALA A . n 
A 1 63  LEU 63  63  63  LEU LEU A . n 
A 1 64  THR 64  64  64  THR THR A . n 
A 1 65  ARG 65  65  65  ARG ARG A . n 
A 1 66  GLY 66  66  66  GLY GLY A . n 
A 1 67  GLU 67  67  67  GLU GLU A . n 
A 1 68  ASP 68  68  68  ASP ASP A . n 
A 1 69  VAL 69  69  69  VAL VAL A . n 
A 1 70  MET 70  70  70  MET MET A . n 
A 1 71  CYS 71  71  71  CYS CYS A . n 
A 1 72  PRO 72  72  72  PRO PRO A . n 
A 1 73  MET 73  73  73  MET MET A . n 
A 1 74  VAL 74  74  74  VAL VAL A . n 
A 1 75  TYR 75  75  75  TYR TYR A . n 
A 1 76  ASP 76  76  76  ASP ASP A . n 
A 1 77  PRO 77  77  77  PRO PRO A . n 
A 1 78  VAL 78  78  78  VAL VAL A . n 
A 1 79  LEU 79  79  79  LEU LEU A . n 
A 1 80  LEU 80  80  80  LEU LEU A . n 
A 1 81  THR 81  81  81  THR THR A . n 
A 1 82  VAL 82  82  82  VAL VAL A . n 
A 1 83  ASP 83  83  83  ASP ASP A . n 
A 1 84  GLY 84  84  84  GLY GLY A . n 
A 1 85  VAL 85  85  85  VAL VAL A . n 
A 1 86  TRP 86  86  86  TRP TRP A . n 
A 1 87  GLN 87  87  87  GLN GLN A . n 
A 1 88  GLY 88  88  88  GLY GLY A . n 
A 1 89  LYS 89  89  89  LYS LYS A . n 
A 1 90  ARG 90  90  90  ARG ARG A . n 
A 1 91  VAL 91  91  91  VAL VAL A . n 
A 1 92  SER 92  92  92  SER SER A . n 
A 1 93  TYR 93  93  93  TYR TYR A . n 
A 1 94  GLU 94  94  94  GLU GLU A . n 
A 1 95  ARG 95  95  95  ARG ARG A . n 
A 1 96  VAL 96  96  96  VAL VAL A . n 
A 1 97  PHE 97  97  97  PHE PHE A . n 
A 1 98  SER 98  98  98  SER SER A . n 
A 1 99  ASN 99  99  99  ASN ASN A . n 
A 1 100 GLU 100 100 100 GLU GLU A . n 
A 1 101 CYS 101 101 101 CYS CYS A . n 
A 1 102 GLU 102 102 102 GLU GLU A . n 
A 1 103 MET 103 103 103 MET MET A . n 
A 1 104 ASN 104 104 104 ASN ASN A . n 
A 1 105 ALA 105 105 105 ALA ALA A . n 
A 1 106 HIS 106 106 106 HIS HIS A . n 
A 1 107 GLY 107 107 107 GLY GLY A . n 
A 1 108 SER 108 108 108 SER SER A . n 
A 1 109 SER 109 109 109 SER SER A . n 
A 1 110 VAL 110 110 110 VAL VAL A . n 
A 1 111 PHE 111 111 111 PHE PHE A . n 
A 1 112 ALA 112 112 112 ALA ALA A . n 
A 1 113 PHE 113 113 113 PHE PHE A . n 
# 
loop_
_pdbx_nonpoly_scheme.asym_id 
_pdbx_nonpoly_scheme.entity_id 
_pdbx_nonpoly_scheme.mon_id 
_pdbx_nonpoly_scheme.ndb_seq_num 
_pdbx_nonpoly_scheme.pdb_seq_num 
_pdbx_nonpoly_scheme.auth_seq_num 
_pdbx_nonpoly_scheme.pdb_mon_id 
_pdbx_nonpoly_scheme.auth_mon_id 
_pdbx_nonpoly_scheme.pdb_strand_id 
_pdbx_nonpoly_scheme.pdb_ins_code 
B 2 HOH 1  114 1  HOH HOH A . 
B 2 HOH 2  115 2  HOH HOH A . 
B 2 HOH 3  116 3  HOH HOH A . 
B 2 HOH 4  117 4  HOH HOH A . 
B 2 HOH 5  118 5  HOH HOH A . 
B 2 HOH 6  119 6  HOH HOH A . 
B 2 HOH 7  120 7  HOH HOH A . 
B 2 HOH 8  121 8  HOH HOH A . 
B 2 HOH 9  122 9  HOH HOH A . 
B 2 HOH 10 123 10 HOH HOH A . 
B 2 HOH 11 124 11 HOH HOH A . 
B 2 HOH 12 125 12 HOH HOH A . 
B 2 HOH 13 126 13 HOH HOH A . 
B 2 HOH 14 127 14 HOH HOH A . 
B 2 HOH 15 128 15 HOH HOH A . 
B 2 HOH 16 129 16 HOH HOH A . 
B 2 HOH 17 130 17 HOH HOH A . 
B 2 HOH 18 131 18 HOH HOH A . 
B 2 HOH 19 132 19 HOH HOH A . 
B 2 HOH 20 133 20 HOH HOH A . 
B 2 HOH 21 134 21 HOH HOH A . 
B 2 HOH 22 135 22 HOH HOH A . 
B 2 HOH 23 136 23 HOH HOH A . 
B 2 HOH 24 137 24 HOH HOH A . 
B 2 HOH 25 138 25 HOH HOH A . 
B 2 HOH 26 139 26 HOH HOH A . 
B 2 HOH 27 140 27 HOH HOH A . 
B 2 HOH 28 141 28 HOH HOH A . 
B 2 HOH 29 142 29 HOH HOH A . 
B 2 HOH 30 143 30 HOH HOH A . 
B 2 HOH 31 144 31 HOH HOH A . 
# 
loop_
_software.name 
_software.classification 
_software.version 
_software.citation_id 
_software.pdbx_ordinal 
PROCESS 'data collection' .   ? 1 
PROCESS 'data reduction'  .   ? 2 
X-PLOR  'model building'  3.1 ? 3 
X-PLOR  refinement        3.1 ? 4 
PROCESS 'data scaling'    .   ? 5 
X-PLOR  phasing           3.1 ? 6 
# 
_cell.entry_id           3SSI 
_cell.length_a           40.740 
_cell.length_b           40.740 
_cell.length_c           115.280 
_cell.angle_alpha        90.00 
_cell.angle_beta         90.00 
_cell.angle_gamma        120.00 
_cell.Z_PDB              6 
_cell.pdbx_unique_axis   ? 
# 
_symmetry.entry_id                         3SSI 
_symmetry.space_group_name_H-M             'P 31 2 1' 
_symmetry.pdbx_full_space_group_name_H-M   ? 
_symmetry.cell_setting                     ? 
_symmetry.Int_Tables_number                152 
# 
_exptl.entry_id          3SSI 
_exptl.method            'X-RAY DIFFRACTION' 
_exptl.crystals_number   1 
# 
_exptl_crystal.id                    1 
_exptl_crystal.density_meas          ? 
_exptl_crystal.density_Matthews      2.40 
_exptl_crystal.density_percent_sol   49. 
_exptl_crystal.description           ? 
# 
_exptl_crystal_grow.crystal_id      1 
_exptl_crystal_grow.method          ? 
_exptl_crystal_grow.temp            ? 
_exptl_crystal_grow.temp_details    ? 
_exptl_crystal_grow.pH              7.0 
_exptl_crystal_grow.pdbx_pH_range   ? 
_exptl_crystal_grow.pdbx_details    'pH 7.0' 
# 
_diffrn.id                     1 
_diffrn.ambient_temp           293 
_diffrn.ambient_temp_details   ? 
_diffrn.crystal_id             1 
# 
_diffrn_detector.diffrn_id              1 
_diffrn_detector.detector               'IMAGE PLATE' 
_diffrn_detector.type                   RIGAKU 
_diffrn_detector.pdbx_collection_date   1993-02-26 
_diffrn_detector.details                'SUPPER DOUBLE FOCUSING' 
# 
_diffrn_radiation.diffrn_id                        1 
_diffrn_radiation.wavelength_id                    1 
_diffrn_radiation.pdbx_monochromatic_or_laue_m_l   M 
_diffrn_radiation.monochromator                    ? 
_diffrn_radiation.pdbx_diffrn_protocol             ? 
_diffrn_radiation.pdbx_scattering_type             x-ray 
# 
_diffrn_radiation_wavelength.id           1 
_diffrn_radiation_wavelength.wavelength   1.5418 
_diffrn_radiation_wavelength.wt           1.0 
# 
_diffrn_source.diffrn_id                   1 
_diffrn_source.source                      'ROTATING ANODE' 
_diffrn_source.type                        'RIGAKU RUH2R' 
_diffrn_source.pdbx_synchrotron_site       ? 
_diffrn_source.pdbx_synchrotron_beamline   ? 
_diffrn_source.pdbx_wavelength             1.5418 
_diffrn_source.pdbx_wavelength_list        ? 
# 
_reflns.entry_id                     3SSI 
_reflns.observed_criterion_sigma_I   1. 
_reflns.observed_criterion_sigma_F   ? 
_reflns.d_resolution_low             38.3 
_reflns.d_resolution_high            2.03 
_reflns.number_obs                   4866 
_reflns.number_all                   ? 
_reflns.percent_possible_obs         63.7 
_reflns.pdbx_Rmerge_I_obs            0.048 
_reflns.pdbx_Rsym_value              ? 
_reflns.pdbx_netI_over_sigmaI        ? 
_reflns.B_iso_Wilson_estimate        ? 
_reflns.pdbx_redundancy              2.6 
_reflns.pdbx_diffrn_id               1 
_reflns.pdbx_ordinal                 1 
# 
_reflns_shell.d_res_high             2.30 
_reflns_shell.d_res_low              2.34 
_reflns_shell.percent_possible_all   48.8 
_reflns_shell.Rmerge_I_obs           ? 
_reflns_shell.pdbx_Rsym_value        ? 
_reflns_shell.meanI_over_sigI_obs    ? 
_reflns_shell.pdbx_redundancy        ? 
_reflns_shell.pdbx_diffrn_id         ? 
_reflns_shell.pdbx_ordinal           1 
# 
_refine.entry_id                                 3SSI 
_refine.ls_number_reflns_obs                     3756 
_refine.ls_number_reflns_all                     ? 
_refine.pdbx_ls_sigma_I                          ? 
_refine.pdbx_ls_sigma_F                          2.0 
_refine.pdbx_data_cutoff_high_absF               ? 
_refine.pdbx_data_cutoff_low_absF                ? 
_refine.pdbx_data_cutoff_high_rms_absF           ? 
_refine.ls_d_res_low                             6.0 
_refine.ls_d_res_high                            2.3 
_refine.ls_percent_reflns_obs                    75.1 
_refine.ls_R_factor_obs                          0.185 
_refine.ls_R_factor_all                          ? 
_refine.ls_R_factor_R_work                       0.185 
_refine.ls_R_factor_R_free                       ? 
_refine.ls_R_factor_R_free_error                 ? 
_refine.ls_R_factor_R_free_error_details         ? 
_refine.ls_percent_reflns_R_free                 ? 
_refine.ls_number_reflns_R_free                  ? 
_refine.ls_number_parameters                     ? 
_refine.ls_number_restraints                     ? 
_refine.occupancy_min                            ? 
_refine.occupancy_max                            ? 
_refine.B_iso_mean                               31.8 
_refine.aniso_B[1][1]                            ? 
_refine.aniso_B[2][2]                            ? 
_refine.aniso_B[3][3]                            ? 
_refine.aniso_B[1][2]                            ? 
_refine.aniso_B[1][3]                            ? 
_refine.aniso_B[2][3]                            ? 
_refine.solvent_model_details                    ? 
_refine.solvent_model_param_ksol                 ? 
_refine.solvent_model_param_bsol                 ? 
_refine.pdbx_ls_cross_valid_method               ? 
_refine.details                                  ? 
_refine.pdbx_starting_model                      ? 
_refine.pdbx_method_to_determine_struct          ? 
_refine.pdbx_isotropic_thermal_model             ? 
_refine.pdbx_stereochemistry_target_values       ? 
_refine.pdbx_stereochem_target_val_spec_case     ? 
_refine.pdbx_R_Free_selection_details            ? 
_refine.pdbx_overall_ESU_R                       ? 
_refine.pdbx_overall_ESU_R_Free                  ? 
_refine.overall_SU_ML                            ? 
_refine.overall_SU_B                             ? 
_refine.pdbx_refine_id                           'X-RAY DIFFRACTION' 
_refine.pdbx_diffrn_id                           1 
_refine.pdbx_TLS_residual_ADP_flag               ? 
_refine.correlation_coeff_Fo_to_Fc               ? 
_refine.correlation_coeff_Fo_to_Fc_free          ? 
_refine.pdbx_solvent_vdw_probe_radii             ? 
_refine.pdbx_solvent_ion_probe_radii             ? 
_refine.pdbx_solvent_shrinkage_radii             ? 
_refine.pdbx_overall_phase_error                 ? 
_refine.overall_SU_R_Cruickshank_DPI             ? 
_refine.pdbx_overall_SU_R_free_Cruickshank_DPI   ? 
_refine.pdbx_overall_SU_R_Blow_DPI               ? 
_refine.pdbx_overall_SU_R_free_Blow_DPI          ? 
# 
_refine_analyze.entry_id                        3SSI 
_refine_analyze.Luzzati_coordinate_error_obs    0.15 
_refine_analyze.Luzzati_sigma_a_obs             ? 
_refine_analyze.Luzzati_d_res_low_obs           ? 
_refine_analyze.Luzzati_coordinate_error_free   ? 
_refine_analyze.Luzzati_sigma_a_free            ? 
_refine_analyze.Luzzati_d_res_low_free          ? 
_refine_analyze.number_disordered_residues      ? 
_refine_analyze.occupancy_sum_hydrogen          ? 
_refine_analyze.occupancy_sum_non_hydrogen      ? 
_refine_analyze.pdbx_refine_id                  'X-RAY DIFFRACTION' 
# 
_refine_hist.pdbx_refine_id                   'X-RAY DIFFRACTION' 
_refine_hist.cycle_id                         LAST 
_refine_hist.pdbx_number_atoms_protein        722 
_refine_hist.pdbx_number_atoms_nucleic_acid   0 
_refine_hist.pdbx_number_atoms_ligand         0 
_refine_hist.number_atoms_solvent             31 
_refine_hist.number_atoms_total               753 
_refine_hist.d_res_high                       2.3 
_refine_hist.d_res_low                        6.0 
# 
loop_
_refine_ls_restr.type 
_refine_ls_restr.dev_ideal 
_refine_ls_restr.dev_ideal_target 
_refine_ls_restr.weight 
_refine_ls_restr.number 
_refine_ls_restr.pdbx_refine_id 
_refine_ls_restr.pdbx_restraint_function 
x_bond_d                0.011 ? ? ? 'X-RAY DIFFRACTION' ? 
x_bond_d_na             ?     ? ? ? 'X-RAY DIFFRACTION' ? 
x_bond_d_prot           ?     ? ? ? 'X-RAY DIFFRACTION' ? 
x_angle_d               ?     ? ? ? 'X-RAY DIFFRACTION' ? 
x_angle_d_na            ?     ? ? ? 'X-RAY DIFFRACTION' ? 
x_angle_d_prot          ?     ? ? ? 'X-RAY DIFFRACTION' ? 
x_angle_deg             1.595 ? ? ? 'X-RAY DIFFRACTION' ? 
x_angle_deg_na          ?     ? ? ? 'X-RAY DIFFRACTION' ? 
x_angle_deg_prot        ?     ? ? ? 'X-RAY DIFFRACTION' ? 
x_dihedral_angle_d      27.51 ? ? ? 'X-RAY DIFFRACTION' ? 
x_dihedral_angle_d_na   ?     ? ? ? 'X-RAY DIFFRACTION' ? 
x_dihedral_angle_d_prot ?     ? ? ? 'X-RAY DIFFRACTION' ? 
x_improper_angle_d      1.423 ? ? ? 'X-RAY DIFFRACTION' ? 
x_improper_angle_d_na   ?     ? ? ? 'X-RAY DIFFRACTION' ? 
x_improper_angle_d_prot ?     ? ? ? 'X-RAY DIFFRACTION' ? 
x_mcbond_it             ?     ? ? ? 'X-RAY DIFFRACTION' ? 
x_mcangle_it            ?     ? ? ? 'X-RAY DIFFRACTION' ? 
x_scbond_it             ?     ? ? ? 'X-RAY DIFFRACTION' ? 
x_scangle_it            ?     ? ? ? 'X-RAY DIFFRACTION' ? 
# 
_struct.entry_id                  3SSI 
_struct.title                     'PROTEINASE INHIBITOR SSI (STREPTOMYCES SUBTILISIN, INHIBITOR) FROM STREPTOMYCES ALBOGRISEOLUS' 
_struct.pdbx_model_details        ? 
_struct.pdbx_CASP_flag            ? 
_struct.pdbx_model_type_details   ? 
# 
_struct_keywords.entry_id        3SSI 
_struct_keywords.pdbx_keywords   'SERINE PROTEASE INHIBITOR' 
_struct_keywords.text            'SSI, SERINE PROTEASE INHIBITOR, SUBTILISIN BPN' 
# 
loop_
_struct_asym.id 
_struct_asym.pdbx_blank_PDB_chainid_flag 
_struct_asym.pdbx_modified 
_struct_asym.entity_id 
_struct_asym.details 
A N N 1 ? 
B N N 2 ? 
# 
_struct_ref.id                         1 
_struct_ref.db_name                    UNP 
_struct_ref.db_code                    SSI_STRAO 
_struct_ref.entity_id                  1 
_struct_ref.pdbx_db_accession          P01006 
_struct_ref.pdbx_align_begin           1 
_struct_ref.pdbx_seq_one_letter_code   
;MRNTGAGPSPSVSRPPPSAAPLSGAALAAPGDAPSALYAPSALVLTVGKGVSATTAAPERAVTLTCAPGPSGTHPAAGSA
CADLAAVGGDLNALTRGEDVMCPMVYDPVLLTVDGVWQGKRVSYERVFSNECEMNAHGSSVFAF
;
_struct_ref.pdbx_db_isoform            ? 
# 
_struct_ref_seq.align_id                      1 
_struct_ref_seq.ref_id                        1 
_struct_ref_seq.pdbx_PDB_id_code              3SSI 
_struct_ref_seq.pdbx_strand_id                A 
_struct_ref_seq.seq_align_beg                 1 
_struct_ref_seq.pdbx_seq_align_beg_ins_code   ? 
_struct_ref_seq.seq_align_end                 113 
_struct_ref_seq.pdbx_seq_align_end_ins_code   ? 
_struct_ref_seq.pdbx_db_accession             P01006 
_struct_ref_seq.db_align_beg                  32 
_struct_ref_seq.pdbx_db_align_beg_ins_code    ? 
_struct_ref_seq.db_align_end                  144 
_struct_ref_seq.pdbx_db_align_end_ins_code    ? 
_struct_ref_seq.pdbx_auth_seq_align_beg       1 
_struct_ref_seq.pdbx_auth_seq_align_end       113 
# 
_pdbx_struct_assembly.id                   1 
_pdbx_struct_assembly.details              author_defined_assembly 
_pdbx_struct_assembly.method_details       ? 
_pdbx_struct_assembly.oligomeric_details   dimeric 
_pdbx_struct_assembly.oligomeric_count     2 
# 
_pdbx_struct_assembly_gen.assembly_id       1 
_pdbx_struct_assembly_gen.oper_expression   1,2 
_pdbx_struct_assembly_gen.asym_id_list      A,B 
# 
loop_
_pdbx_struct_oper_list.id 
_pdbx_struct_oper_list.type 
_pdbx_struct_oper_list.name 
_pdbx_struct_oper_list.symmetry_operation 
_pdbx_struct_oper_list.matrix[1][1] 
_pdbx_struct_oper_list.matrix[1][2] 
_pdbx_struct_oper_list.matrix[1][3] 
_pdbx_struct_oper_list.vector[1] 
_pdbx_struct_oper_list.matrix[2][1] 
_pdbx_struct_oper_list.matrix[2][2] 
_pdbx_struct_oper_list.matrix[2][3] 
_pdbx_struct_oper_list.vector[2] 
_pdbx_struct_oper_list.matrix[3][1] 
_pdbx_struct_oper_list.matrix[3][2] 
_pdbx_struct_oper_list.matrix[3][3] 
_pdbx_struct_oper_list.vector[3] 
1 'identity operation'         1_555 x,y,z    1.0000000000 0.0000000000  0.0000000000  0.0000000000   0.0000000000  1.0000000000  0.0000000000 0.0000000000 0.0000000000  0.0000000000 1.0000000000  0.0000000000   
2 'crystal symmetry operation' 4_556 y,x,-z+1 0.1684936188 -0.2763116888 -0.9461827261 -12.4115389082 -0.2763116888 -0.9346610473 0.2237422120 8.1277278497 -0.9461827261 0.2237422120 -0.2338325715 -17.7012217201 
# 
_struct_biol.id   1 
# 
loop_
_struct_conf.conf_type_id 
_struct_conf.id 
_struct_conf.pdbx_PDB_helix_id 
_struct_conf.beg_label_comp_id 
_struct_conf.beg_label_asym_id 
_struct_conf.beg_label_seq_id 
_struct_conf.pdbx_beg_PDB_ins_code 
_struct_conf.end_label_comp_id 
_struct_conf.end_label_asym_id 
_struct_conf.end_label_seq_id 
_struct_conf.pdbx_end_PDB_ins_code 
_struct_conf.beg_auth_comp_id 
_struct_conf.beg_auth_asym_id 
_struct_conf.beg_auth_seq_id 
_struct_conf.end_auth_comp_id 
_struct_conf.end_auth_asym_id 
_struct_conf.end_auth_seq_id 
_struct_conf.pdbx_PDB_helix_class 
_struct_conf.details 
_struct_conf.pdbx_PDB_helix_length 
HELX_P HELX_P1 A1 ALA A 45 ? VAL A 56  ? ALA A 45 VAL A 56  1 ? 12 
HELX_P HELX_P2 A2 ASN A 99 ? ASN A 104 ? ASN A 99 ASN A 104 1 ? 6  
# 
_struct_conf_type.id          HELX_P 
_struct_conf_type.criteria    ? 
_struct_conf_type.reference   ? 
# 
loop_
_struct_conn.id 
_struct_conn.conn_type_id 
_struct_conn.pdbx_leaving_atom_flag 
_struct_conn.pdbx_PDB_id 
_struct_conn.ptnr1_label_asym_id 
_struct_conn.ptnr1_label_comp_id 
_struct_conn.ptnr1_label_seq_id 
_struct_conn.ptnr1_label_atom_id 
_struct_conn.pdbx_ptnr1_label_alt_id 
_struct_conn.pdbx_ptnr1_PDB_ins_code 
_struct_conn.pdbx_ptnr1_standard_comp_id 
_struct_conn.ptnr1_symmetry 
_struct_conn.ptnr2_label_asym_id 
_struct_conn.ptnr2_label_comp_id 
_struct_conn.ptnr2_label_seq_id 
_struct_conn.ptnr2_label_atom_id 
_struct_conn.pdbx_ptnr2_label_alt_id 
_struct_conn.pdbx_ptnr2_PDB_ins_code 
_struct_conn.ptnr1_auth_asym_id 
_struct_conn.ptnr1_auth_comp_id 
_struct_conn.ptnr1_auth_seq_id 
_struct_conn.ptnr2_auth_asym_id 
_struct_conn.ptnr2_auth_comp_id 
_struct_conn.ptnr2_auth_seq_id 
_struct_conn.ptnr2_symmetry 
_struct_conn.pdbx_ptnr3_label_atom_id 
_struct_conn.pdbx_ptnr3_label_seq_id 
_struct_conn.pdbx_ptnr3_label_comp_id 
_struct_conn.pdbx_ptnr3_label_asym_id 
_struct_conn.pdbx_ptnr3_label_alt_id 
_struct_conn.pdbx_ptnr3_PDB_ins_code 
_struct_conn.details 
_struct_conn.pdbx_dist_value 
_struct_conn.pdbx_value_order 
_struct_conn.pdbx_role 
disulf1 disulf ? ? A CYS 35 SG ? ? ? 1_555 A CYS 50  SG ? ? A CYS 35 A CYS 50  1_555 ? ? ? ? ? ? ? 2.031 ? ? 
disulf2 disulf ? ? A CYS 71 SG ? ? ? 1_555 A CYS 101 SG ? ? A CYS 71 A CYS 101 1_555 ? ? ? ? ? ? ? 2.021 ? ? 
# 
_struct_conn_type.id          disulf 
_struct_conn_type.criteria    ? 
_struct_conn_type.reference   ? 
# 
loop_
_pdbx_modification_feature.ordinal 
_pdbx_modification_feature.label_comp_id 
_pdbx_modification_feature.label_asym_id 
_pdbx_modification_feature.label_seq_id 
_pdbx_modification_feature.label_alt_id 
_pdbx_modification_feature.modified_residue_label_comp_id 
_pdbx_modification_feature.modified_residue_label_asym_id 
_pdbx_modification_feature.modified_residue_label_seq_id 
_pdbx_modification_feature.modified_residue_label_alt_id 
_pdbx_modification_feature.auth_comp_id 
_pdbx_modification_feature.auth_asym_id 
_pdbx_modification_feature.auth_seq_id 
_pdbx_modification_feature.PDB_ins_code 
_pdbx_modification_feature.symmetry 
_pdbx_modification_feature.modified_residue_auth_comp_id 
_pdbx_modification_feature.modified_residue_auth_asym_id 
_pdbx_modification_feature.modified_residue_auth_seq_id 
_pdbx_modification_feature.modified_residue_PDB_ins_code 
_pdbx_modification_feature.modified_residue_symmetry 
_pdbx_modification_feature.comp_id_linking_atom 
_pdbx_modification_feature.modified_residue_id_linking_atom 
_pdbx_modification_feature.modified_residue_id 
_pdbx_modification_feature.ref_pcm_id 
_pdbx_modification_feature.ref_comp_id 
_pdbx_modification_feature.type 
_pdbx_modification_feature.category 
1 CYS A 35 ? CYS A 50  ? CYS A 35 ? 1_555 CYS A 50  ? 1_555 SG SG . . . None 'Disulfide bridge' 
2 CYS A 71 ? CYS A 101 ? CYS A 71 ? 1_555 CYS A 101 ? 1_555 SG SG . . . None 'Disulfide bridge' 
# 
_struct_mon_prot_cis.pdbx_id                1 
_struct_mon_prot_cis.label_comp_id          ALA 
_struct_mon_prot_cis.label_seq_id           36 
_struct_mon_prot_cis.label_asym_id          A 
_struct_mon_prot_cis.label_alt_id           . 
_struct_mon_prot_cis.pdbx_PDB_ins_code      ? 
_struct_mon_prot_cis.auth_comp_id           ALA 
_struct_mon_prot_cis.auth_seq_id            36 
_struct_mon_prot_cis.auth_asym_id           A 
_struct_mon_prot_cis.pdbx_label_comp_id_2   PRO 
_struct_mon_prot_cis.pdbx_label_seq_id_2    37 
_struct_mon_prot_cis.pdbx_label_asym_id_2   A 
_struct_mon_prot_cis.pdbx_PDB_ins_code_2    ? 
_struct_mon_prot_cis.pdbx_auth_comp_id_2    PRO 
_struct_mon_prot_cis.pdbx_auth_seq_id_2     37 
_struct_mon_prot_cis.pdbx_auth_asym_id_2    A 
_struct_mon_prot_cis.pdbx_PDB_model_num     1 
_struct_mon_prot_cis.pdbx_omega_angle       -0.06 
# 
_struct_sheet.id               S1 
_struct_sheet.type             ? 
_struct_sheet.number_strands   4 
_struct_sheet.details          ? 
# 
loop_
_struct_sheet_order.sheet_id 
_struct_sheet_order.range_id_1 
_struct_sheet_order.range_id_2 
_struct_sheet_order.offset 
_struct_sheet_order.sense 
S1 1 2 ? anti-parallel 
S1 2 3 ? anti-parallel 
S1 3 4 ? anti-parallel 
# 
loop_
_struct_sheet_range.sheet_id 
_struct_sheet_range.id 
_struct_sheet_range.beg_label_comp_id 
_struct_sheet_range.beg_label_asym_id 
_struct_sheet_range.beg_label_seq_id 
_struct_sheet_range.pdbx_beg_PDB_ins_code 
_struct_sheet_range.end_label_comp_id 
_struct_sheet_range.end_label_asym_id 
_struct_sheet_range.end_label_seq_id 
_struct_sheet_range.pdbx_end_PDB_ins_code 
_struct_sheet_range.beg_auth_comp_id 
_struct_sheet_range.beg_auth_asym_id 
_struct_sheet_range.beg_auth_seq_id 
_struct_sheet_range.end_auth_comp_id 
_struct_sheet_range.end_auth_asym_id 
_struct_sheet_range.end_auth_seq_id 
S1 1 ARG A 29 ? CYS A 35 ? ARG A 29 CYS A 35 
S1 2 SER A 10 ? GLY A 19 ? SER A 10 GLY A 19 
S1 3 PRO A 77 ? TRP A 86 ? PRO A 77 TRP A 86 
S1 4 LYS A 89 ? PHE A 97 ? LYS A 89 PHE A 97 
# 
loop_
_pdbx_struct_sheet_hbond.sheet_id 
_pdbx_struct_sheet_hbond.range_id_1 
_pdbx_struct_sheet_hbond.range_id_2 
_pdbx_struct_sheet_hbond.range_1_label_atom_id 
_pdbx_struct_sheet_hbond.range_1_label_comp_id 
_pdbx_struct_sheet_hbond.range_1_label_asym_id 
_pdbx_struct_sheet_hbond.range_1_label_seq_id 
_pdbx_struct_sheet_hbond.range_1_PDB_ins_code 
_pdbx_struct_sheet_hbond.range_1_auth_atom_id 
_pdbx_struct_sheet_hbond.range_1_auth_comp_id 
_pdbx_struct_sheet_hbond.range_1_auth_asym_id 
_pdbx_struct_sheet_hbond.range_1_auth_seq_id 
_pdbx_struct_sheet_hbond.range_2_label_atom_id 
_pdbx_struct_sheet_hbond.range_2_label_comp_id 
_pdbx_struct_sheet_hbond.range_2_label_asym_id 
_pdbx_struct_sheet_hbond.range_2_label_seq_id 
_pdbx_struct_sheet_hbond.range_2_PDB_ins_code 
_pdbx_struct_sheet_hbond.range_2_auth_atom_id 
_pdbx_struct_sheet_hbond.range_2_auth_comp_id 
_pdbx_struct_sheet_hbond.range_2_auth_asym_id 
_pdbx_struct_sheet_hbond.range_2_auth_seq_id 
S1 1 2 O LEU A 33 ? O LEU A 33 N LEU A 12 ? N LEU A 12 
S1 2 3 O GLY A 17 ? O GLY A 17 N LEU A 79 ? N LEU A 79 
S1 3 4 O TRP A 86 ? O TRP A 86 N LYS A 89 ? N LYS A 89 
# 
loop_
_struct_site.id 
_struct_site.pdbx_evidence_code 
_struct_site.pdbx_auth_asym_id 
_struct_site.pdbx_auth_comp_id 
_struct_site.pdbx_auth_seq_id 
_struct_site.pdbx_auth_ins_code 
_struct_site.pdbx_num_residues 
_struct_site.details 
PCR Unknown ? ? ? ? 9 
;THE PRIMARY CONTACT REGION (PCR) CONSISTS OF P7-P2' RESIDUES WHICH INVOLVE THE SCISSILE BOND (OR THE REACTIVE SITE PEPTIDE BOND) AND MAKE CONTACTS WITH THE TARGET ENZYMES.
;
SCR Unknown ? ? ? ? 5 
;THE SECONDARY CONTACT REGION (SCR) IS LOCATED CLOSE TO THE PRIMARY CONTACT REGION. THE MAIN ROLE OF THE SCR IS PERHAPS TO STABILIZE THE PRIMARY CONTACT REGION FROM INSIDE OF THE INHIBITOR MOLECULE RATHER THAN TO MAKE INTERACTIONS WITH THE TARGET ENZYMES.
;
# 
loop_
_struct_site_gen.id 
_struct_site_gen.site_id 
_struct_site_gen.pdbx_num_res 
_struct_site_gen.label_comp_id 
_struct_site_gen.label_asym_id 
_struct_site_gen.label_seq_id 
_struct_site_gen.pdbx_auth_ins_code 
_struct_site_gen.auth_comp_id 
_struct_site_gen.auth_asym_id 
_struct_site_gen.auth_seq_id 
_struct_site_gen.label_atom_id 
_struct_site_gen.label_alt_id 
_struct_site_gen.symmetry 
_struct_site_gen.details 
1  PCR 9 GLU A 67  ? GLU A 67  . ? 1_555 ? 
2  PCR 9 ASP A 68  ? ASP A 68  . ? 1_555 ? 
3  PCR 9 VAL A 69  ? VAL A 69  . ? 1_555 ? 
4  PCR 9 MET A 70  ? MET A 70  . ? 1_555 ? 
5  PCR 9 CYS A 71  ? CYS A 71  . ? 1_555 ? 
6  PCR 9 PRO A 72  ? PRO A 72  . ? 1_555 ? 
7  PCR 9 MET A 73  ? MET A 73  . ? 1_555 ? 
8  PCR 9 VAL A 74  ? VAL A 74  . ? 1_555 ? 
9  PCR 9 TYR A 75  ? TYR A 75  . ? 1_555 ? 
10 SCR 5 SER A 98  ? SER A 98  . ? 1_555 ? 
11 SCR 5 ASN A 99  ? ASN A 99  . ? 1_555 ? 
12 SCR 5 GLU A 100 ? GLU A 100 . ? 1_555 ? 
13 SCR 5 CYS A 101 ? CYS A 101 . ? 1_555 ? 
14 SCR 5 GLU A 102 ? GLU A 102 . ? 1_555 ? 
# 
_pdbx_entry_details.entry_id                   3SSI 
_pdbx_entry_details.compound_details           ? 
_pdbx_entry_details.source_details             ? 
_pdbx_entry_details.nonpolymer_details         ? 
_pdbx_entry_details.sequence_details           ? 
_pdbx_entry_details.has_ligand_of_interest     ? 
_pdbx_entry_details.has_protein_modification   Y 
# 
loop_
_pdbx_unobs_or_zero_occ_residues.id 
_pdbx_unobs_or_zero_occ_residues.PDB_model_num 
_pdbx_unobs_or_zero_occ_residues.polymer_flag 
_pdbx_unobs_or_zero_occ_residues.occupancy_flag 
_pdbx_unobs_or_zero_occ_residues.auth_asym_id 
_pdbx_unobs_or_zero_occ_residues.auth_comp_id 
_pdbx_unobs_or_zero_occ_residues.auth_seq_id 
_pdbx_unobs_or_zero_occ_residues.PDB_ins_code 
_pdbx_unobs_or_zero_occ_residues.label_asym_id 
_pdbx_unobs_or_zero_occ_residues.label_comp_id 
_pdbx_unobs_or_zero_occ_residues.label_seq_id 
1 1 Y 1 A ASP 1 ? A ASP 1 
2 1 Y 1 A ALA 2 ? A ALA 2 
3 1 Y 1 A PRO 3 ? A PRO 3 
4 1 Y 1 A SER 4 ? A SER 4 
5 1 Y 1 A ALA 5 ? A ALA 5 
# 
loop_
_chem_comp_atom.comp_id 
_chem_comp_atom.atom_id 
_chem_comp_atom.type_symbol 
_chem_comp_atom.pdbx_aromatic_flag 
_chem_comp_atom.pdbx_stereo_config 
_chem_comp_atom.pdbx_ordinal 
ALA N    N N N 1   
ALA CA   C N S 2   
ALA C    C N N 3   
ALA O    O N N 4   
ALA CB   C N N 5   
ALA OXT  O N N 6   
ALA H    H N N 7   
ALA H2   H N N 8   
ALA HA   H N N 9   
ALA HB1  H N N 10  
ALA HB2  H N N 11  
ALA HB3  H N N 12  
ALA HXT  H N N 13  
ARG N    N N N 14  
ARG CA   C N S 15  
ARG C    C N N 16  
ARG O    O N N 17  
ARG CB   C N N 18  
ARG CG   C N N 19  
ARG CD   C N N 20  
ARG NE   N N N 21  
ARG CZ   C N N 22  
ARG NH1  N N N 23  
ARG NH2  N N N 24  
ARG OXT  O N N 25  
ARG H    H N N 26  
ARG H2   H N N 27  
ARG HA   H N N 28  
ARG HB2  H N N 29  
ARG HB3  H N N 30  
ARG HG2  H N N 31  
ARG HG3  H N N 32  
ARG HD2  H N N 33  
ARG HD3  H N N 34  
ARG HE   H N N 35  
ARG HH11 H N N 36  
ARG HH12 H N N 37  
ARG HH21 H N N 38  
ARG HH22 H N N 39  
ARG HXT  H N N 40  
ASN N    N N N 41  
ASN CA   C N S 42  
ASN C    C N N 43  
ASN O    O N N 44  
ASN CB   C N N 45  
ASN CG   C N N 46  
ASN OD1  O N N 47  
ASN ND2  N N N 48  
ASN OXT  O N N 49  
ASN H    H N N 50  
ASN H2   H N N 51  
ASN HA   H N N 52  
ASN HB2  H N N 53  
ASN HB3  H N N 54  
ASN HD21 H N N 55  
ASN HD22 H N N 56  
ASN HXT  H N N 57  
ASP N    N N N 58  
ASP CA   C N S 59  
ASP C    C N N 60  
ASP O    O N N 61  
ASP CB   C N N 62  
ASP CG   C N N 63  
ASP OD1  O N N 64  
ASP OD2  O N N 65  
ASP OXT  O N N 66  
ASP H    H N N 67  
ASP H2   H N N 68  
ASP HA   H N N 69  
ASP HB2  H N N 70  
ASP HB3  H N N 71  
ASP HD2  H N N 72  
ASP HXT  H N N 73  
CYS N    N N N 74  
CYS CA   C N R 75  
CYS C    C N N 76  
CYS O    O N N 77  
CYS CB   C N N 78  
CYS SG   S N N 79  
CYS OXT  O N N 80  
CYS H    H N N 81  
CYS H2   H N N 82  
CYS HA   H N N 83  
CYS HB2  H N N 84  
CYS HB3  H N N 85  
CYS HG   H N N 86  
CYS HXT  H N N 87  
GLN N    N N N 88  
GLN CA   C N S 89  
GLN C    C N N 90  
GLN O    O N N 91  
GLN CB   C N N 92  
GLN CG   C N N 93  
GLN CD   C N N 94  
GLN OE1  O N N 95  
GLN NE2  N N N 96  
GLN OXT  O N N 97  
GLN H    H N N 98  
GLN H2   H N N 99  
GLN HA   H N N 100 
GLN HB2  H N N 101 
GLN HB3  H N N 102 
GLN HG2  H N N 103 
GLN HG3  H N N 104 
GLN HE21 H N N 105 
GLN HE22 H N N 106 
GLN HXT  H N N 107 
GLU N    N N N 108 
GLU CA   C N S 109 
GLU C    C N N 110 
GLU O    O N N 111 
GLU CB   C N N 112 
GLU CG   C N N 113 
GLU CD   C N N 114 
GLU OE1  O N N 115 
GLU OE2  O N N 116 
GLU OXT  O N N 117 
GLU H    H N N 118 
GLU H2   H N N 119 
GLU HA   H N N 120 
GLU HB2  H N N 121 
GLU HB3  H N N 122 
GLU HG2  H N N 123 
GLU HG3  H N N 124 
GLU HE2  H N N 125 
GLU HXT  H N N 126 
GLY N    N N N 127 
GLY CA   C N N 128 
GLY C    C N N 129 
GLY O    O N N 130 
GLY OXT  O N N 131 
GLY H    H N N 132 
GLY H2   H N N 133 
GLY HA2  H N N 134 
GLY HA3  H N N 135 
GLY HXT  H N N 136 
HIS N    N N N 137 
HIS CA   C N S 138 
HIS C    C N N 139 
HIS O    O N N 140 
HIS CB   C N N 141 
HIS CG   C Y N 142 
HIS ND1  N Y N 143 
HIS CD2  C Y N 144 
HIS CE1  C Y N 145 
HIS NE2  N Y N 146 
HIS OXT  O N N 147 
HIS H    H N N 148 
HIS H2   H N N 149 
HIS HA   H N N 150 
HIS HB2  H N N 151 
HIS HB3  H N N 152 
HIS HD1  H N N 153 
HIS HD2  H N N 154 
HIS HE1  H N N 155 
HIS HE2  H N N 156 
HIS HXT  H N N 157 
HOH O    O N N 158 
HOH H1   H N N 159 
HOH H2   H N N 160 
LEU N    N N N 161 
LEU CA   C N S 162 
LEU C    C N N 163 
LEU O    O N N 164 
LEU CB   C N N 165 
LEU CG   C N N 166 
LEU CD1  C N N 167 
LEU CD2  C N N 168 
LEU OXT  O N N 169 
LEU H    H N N 170 
LEU H2   H N N 171 
LEU HA   H N N 172 
LEU HB2  H N N 173 
LEU HB3  H N N 174 
LEU HG   H N N 175 
LEU HD11 H N N 176 
LEU HD12 H N N 177 
LEU HD13 H N N 178 
LEU HD21 H N N 179 
LEU HD22 H N N 180 
LEU HD23 H N N 181 
LEU HXT  H N N 182 
LYS N    N N N 183 
LYS CA   C N S 184 
LYS C    C N N 185 
LYS O    O N N 186 
LYS CB   C N N 187 
LYS CG   C N N 188 
LYS CD   C N N 189 
LYS CE   C N N 190 
LYS NZ   N N N 191 
LYS OXT  O N N 192 
LYS H    H N N 193 
LYS H2   H N N 194 
LYS HA   H N N 195 
LYS HB2  H N N 196 
LYS HB3  H N N 197 
LYS HG2  H N N 198 
LYS HG3  H N N 199 
LYS HD2  H N N 200 
LYS HD3  H N N 201 
LYS HE2  H N N 202 
LYS HE3  H N N 203 
LYS HZ1  H N N 204 
LYS HZ2  H N N 205 
LYS HZ3  H N N 206 
LYS HXT  H N N 207 
MET N    N N N 208 
MET CA   C N S 209 
MET C    C N N 210 
MET O    O N N 211 
MET CB   C N N 212 
MET CG   C N N 213 
MET SD   S N N 214 
MET CE   C N N 215 
MET OXT  O N N 216 
MET H    H N N 217 
MET H2   H N N 218 
MET HA   H N N 219 
MET HB2  H N N 220 
MET HB3  H N N 221 
MET HG2  H N N 222 
MET HG3  H N N 223 
MET HE1  H N N 224 
MET HE2  H N N 225 
MET HE3  H N N 226 
MET HXT  H N N 227 
PHE N    N N N 228 
PHE CA   C N S 229 
PHE C    C N N 230 
PHE O    O N N 231 
PHE CB   C N N 232 
PHE CG   C Y N 233 
PHE CD1  C Y N 234 
PHE CD2  C Y N 235 
PHE CE1  C Y N 236 
PHE CE2  C Y N 237 
PHE CZ   C Y N 238 
PHE OXT  O N N 239 
PHE H    H N N 240 
PHE H2   H N N 241 
PHE HA   H N N 242 
PHE HB2  H N N 243 
PHE HB3  H N N 244 
PHE HD1  H N N 245 
PHE HD2  H N N 246 
PHE HE1  H N N 247 
PHE HE2  H N N 248 
PHE HZ   H N N 249 
PHE HXT  H N N 250 
PRO N    N N N 251 
PRO CA   C N S 252 
PRO C    C N N 253 
PRO O    O N N 254 
PRO CB   C N N 255 
PRO CG   C N N 256 
PRO CD   C N N 257 
PRO OXT  O N N 258 
PRO H    H N N 259 
PRO HA   H N N 260 
PRO HB2  H N N 261 
PRO HB3  H N N 262 
PRO HG2  H N N 263 
PRO HG3  H N N 264 
PRO HD2  H N N 265 
PRO HD3  H N N 266 
PRO HXT  H N N 267 
SER N    N N N 268 
SER CA   C N S 269 
SER C    C N N 270 
SER O    O N N 271 
SER CB   C N N 272 
SER OG   O N N 273 
SER OXT  O N N 274 
SER H    H N N 275 
SER H2   H N N 276 
SER HA   H N N 277 
SER HB2  H N N 278 
SER HB3  H N N 279 
SER HG   H N N 280 
SER HXT  H N N 281 
THR N    N N N 282 
THR CA   C N S 283 
THR C    C N N 284 
THR O    O N N 285 
THR CB   C N R 286 
THR OG1  O N N 287 
THR CG2  C N N 288 
THR OXT  O N N 289 
THR H    H N N 290 
THR H2   H N N 291 
THR HA   H N N 292 
THR HB   H N N 293 
THR HG1  H N N 294 
THR HG21 H N N 295 
THR HG22 H N N 296 
THR HG23 H N N 297 
THR HXT  H N N 298 
TRP N    N N N 299 
TRP CA   C N S 300 
TRP C    C N N 301 
TRP O    O N N 302 
TRP CB   C N N 303 
TRP CG   C Y N 304 
TRP CD1  C Y N 305 
TRP CD2  C Y N 306 
TRP NE1  N Y N 307 
TRP CE2  C Y N 308 
TRP CE3  C Y N 309 
TRP CZ2  C Y N 310 
TRP CZ3  C Y N 311 
TRP CH2  C Y N 312 
TRP OXT  O N N 313 
TRP H    H N N 314 
TRP H2   H N N 315 
TRP HA   H N N 316 
TRP HB2  H N N 317 
TRP HB3  H N N 318 
TRP HD1  H N N 319 
TRP HE1  H N N 320 
TRP HE3  H N N 321 
TRP HZ2  H N N 322 
TRP HZ3  H N N 323 
TRP HH2  H N N 324 
TRP HXT  H N N 325 
TYR N    N N N 326 
TYR CA   C N S 327 
TYR C    C N N 328 
TYR O    O N N 329 
TYR CB   C N N 330 
TYR CG   C Y N 331 
TYR CD1  C Y N 332 
TYR CD2  C Y N 333 
TYR CE1  C Y N 334 
TYR CE2  C Y N 335 
TYR CZ   C Y N 336 
TYR OH   O N N 337 
TYR OXT  O N N 338 
TYR H    H N N 339 
TYR H2   H N N 340 
TYR HA   H N N 341 
TYR HB2  H N N 342 
TYR HB3  H N N 343 
TYR HD1  H N N 344 
TYR HD2  H N N 345 
TYR HE1  H N N 346 
TYR HE2  H N N 347 
TYR HH   H N N 348 
TYR HXT  H N N 349 
VAL N    N N N 350 
VAL CA   C N S 351 
VAL C    C N N 352 
VAL O    O N N 353 
VAL CB   C N N 354 
VAL CG1  C N N 355 
VAL CG2  C N N 356 
VAL OXT  O N N 357 
VAL H    H N N 358 
VAL H2   H N N 359 
VAL HA   H N N 360 
VAL HB   H N N 361 
VAL HG11 H N N 362 
VAL HG12 H N N 363 
VAL HG13 H N N 364 
VAL HG21 H N N 365 
VAL HG22 H N N 366 
VAL HG23 H N N 367 
VAL HXT  H N N 368 
# 
loop_
_chem_comp_bond.comp_id 
_chem_comp_bond.atom_id_1 
_chem_comp_bond.atom_id_2 
_chem_comp_bond.value_order 
_chem_comp_bond.pdbx_aromatic_flag 
_chem_comp_bond.pdbx_stereo_config 
_chem_comp_bond.pdbx_ordinal 
ALA N   CA   sing N N 1   
ALA N   H    sing N N 2   
ALA N   H2   sing N N 3   
ALA CA  C    sing N N 4   
ALA CA  CB   sing N N 5   
ALA CA  HA   sing N N 6   
ALA C   O    doub N N 7   
ALA C   OXT  sing N N 8   
ALA CB  HB1  sing N N 9   
ALA CB  HB2  sing N N 10  
ALA CB  HB3  sing N N 11  
ALA OXT HXT  sing N N 12  
ARG N   CA   sing N N 13  
ARG N   H    sing N N 14  
ARG N   H2   sing N N 15  
ARG CA  C    sing N N 16  
ARG CA  CB   sing N N 17  
ARG CA  HA   sing N N 18  
ARG C   O    doub N N 19  
ARG C   OXT  sing N N 20  
ARG CB  CG   sing N N 21  
ARG CB  HB2  sing N N 22  
ARG CB  HB3  sing N N 23  
ARG CG  CD   sing N N 24  
ARG CG  HG2  sing N N 25  
ARG CG  HG3  sing N N 26  
ARG CD  NE   sing N N 27  
ARG CD  HD2  sing N N 28  
ARG CD  HD3  sing N N 29  
ARG NE  CZ   sing N N 30  
ARG NE  HE   sing N N 31  
ARG CZ  NH1  sing N N 32  
ARG CZ  NH2  doub N N 33  
ARG NH1 HH11 sing N N 34  
ARG NH1 HH12 sing N N 35  
ARG NH2 HH21 sing N N 36  
ARG NH2 HH22 sing N N 37  
ARG OXT HXT  sing N N 38  
ASN N   CA   sing N N 39  
ASN N   H    sing N N 40  
ASN N   H2   sing N N 41  
ASN CA  C    sing N N 42  
ASN CA  CB   sing N N 43  
ASN CA  HA   sing N N 44  
ASN C   O    doub N N 45  
ASN C   OXT  sing N N 46  
ASN CB  CG   sing N N 47  
ASN CB  HB2  sing N N 48  
ASN CB  HB3  sing N N 49  
ASN CG  OD1  doub N N 50  
ASN CG  ND2  sing N N 51  
ASN ND2 HD21 sing N N 52  
ASN ND2 HD22 sing N N 53  
ASN OXT HXT  sing N N 54  
ASP N   CA   sing N N 55  
ASP N   H    sing N N 56  
ASP N   H2   sing N N 57  
ASP CA  C    sing N N 58  
ASP CA  CB   sing N N 59  
ASP CA  HA   sing N N 60  
ASP C   O    doub N N 61  
ASP C   OXT  sing N N 62  
ASP CB  CG   sing N N 63  
ASP CB  HB2  sing N N 64  
ASP CB  HB3  sing N N 65  
ASP CG  OD1  doub N N 66  
ASP CG  OD2  sing N N 67  
ASP OD2 HD2  sing N N 68  
ASP OXT HXT  sing N N 69  
CYS N   CA   sing N N 70  
CYS N   H    sing N N 71  
CYS N   H2   sing N N 72  
CYS CA  C    sing N N 73  
CYS CA  CB   sing N N 74  
CYS CA  HA   sing N N 75  
CYS C   O    doub N N 76  
CYS C   OXT  sing N N 77  
CYS CB  SG   sing N N 78  
CYS CB  HB2  sing N N 79  
CYS CB  HB3  sing N N 80  
CYS SG  HG   sing N N 81  
CYS OXT HXT  sing N N 82  
GLN N   CA   sing N N 83  
GLN N   H    sing N N 84  
GLN N   H2   sing N N 85  
GLN CA  C    sing N N 86  
GLN CA  CB   sing N N 87  
GLN CA  HA   sing N N 88  
GLN C   O    doub N N 89  
GLN C   OXT  sing N N 90  
GLN CB  CG   sing N N 91  
GLN CB  HB2  sing N N 92  
GLN CB  HB3  sing N N 93  
GLN CG  CD   sing N N 94  
GLN CG  HG2  sing N N 95  
GLN CG  HG3  sing N N 96  
GLN CD  OE1  doub N N 97  
GLN CD  NE2  sing N N 98  
GLN NE2 HE21 sing N N 99  
GLN NE2 HE22 sing N N 100 
GLN OXT HXT  sing N N 101 
GLU N   CA   sing N N 102 
GLU N   H    sing N N 103 
GLU N   H2   sing N N 104 
GLU CA  C    sing N N 105 
GLU CA  CB   sing N N 106 
GLU CA  HA   sing N N 107 
GLU C   O    doub N N 108 
GLU C   OXT  sing N N 109 
GLU CB  CG   sing N N 110 
GLU CB  HB2  sing N N 111 
GLU CB  HB3  sing N N 112 
GLU CG  CD   sing N N 113 
GLU CG  HG2  sing N N 114 
GLU CG  HG3  sing N N 115 
GLU CD  OE1  doub N N 116 
GLU CD  OE2  sing N N 117 
GLU OE2 HE2  sing N N 118 
GLU OXT HXT  sing N N 119 
GLY N   CA   sing N N 120 
GLY N   H    sing N N 121 
GLY N   H2   sing N N 122 
GLY CA  C    sing N N 123 
GLY CA  HA2  sing N N 124 
GLY CA  HA3  sing N N 125 
GLY C   O    doub N N 126 
GLY C   OXT  sing N N 127 
GLY OXT HXT  sing N N 128 
HIS N   CA   sing N N 129 
HIS N   H    sing N N 130 
HIS N   H2   sing N N 131 
HIS CA  C    sing N N 132 
HIS CA  CB   sing N N 133 
HIS CA  HA   sing N N 134 
HIS C   O    doub N N 135 
HIS C   OXT  sing N N 136 
HIS CB  CG   sing N N 137 
HIS CB  HB2  sing N N 138 
HIS CB  HB3  sing N N 139 
HIS CG  ND1  sing Y N 140 
HIS CG  CD2  doub Y N 141 
HIS ND1 CE1  doub Y N 142 
HIS ND1 HD1  sing N N 143 
HIS CD2 NE2  sing Y N 144 
HIS CD2 HD2  sing N N 145 
HIS CE1 NE2  sing Y N 146 
HIS CE1 HE1  sing N N 147 
HIS NE2 HE2  sing N N 148 
HIS OXT HXT  sing N N 149 
HOH O   H1   sing N N 150 
HOH O   H2   sing N N 151 
LEU N   CA   sing N N 152 
LEU N   H    sing N N 153 
LEU N   H2   sing N N 154 
LEU CA  C    sing N N 155 
LEU CA  CB   sing N N 156 
LEU CA  HA   sing N N 157 
LEU C   O    doub N N 158 
LEU C   OXT  sing N N 159 
LEU CB  CG   sing N N 160 
LEU CB  HB2  sing N N 161 
LEU CB  HB3  sing N N 162 
LEU CG  CD1  sing N N 163 
LEU CG  CD2  sing N N 164 
LEU CG  HG   sing N N 165 
LEU CD1 HD11 sing N N 166 
LEU CD1 HD12 sing N N 167 
LEU CD1 HD13 sing N N 168 
LEU CD2 HD21 sing N N 169 
LEU CD2 HD22 sing N N 170 
LEU CD2 HD23 sing N N 171 
LEU OXT HXT  sing N N 172 
LYS N   CA   sing N N 173 
LYS N   H    sing N N 174 
LYS N   H2   sing N N 175 
LYS CA  C    sing N N 176 
LYS CA  CB   sing N N 177 
LYS CA  HA   sing N N 178 
LYS C   O    doub N N 179 
LYS C   OXT  sing N N 180 
LYS CB  CG   sing N N 181 
LYS CB  HB2  sing N N 182 
LYS CB  HB3  sing N N 183 
LYS CG  CD   sing N N 184 
LYS CG  HG2  sing N N 185 
LYS CG  HG3  sing N N 186 
LYS CD  CE   sing N N 187 
LYS CD  HD2  sing N N 188 
LYS CD  HD3  sing N N 189 
LYS CE  NZ   sing N N 190 
LYS CE  HE2  sing N N 191 
LYS CE  HE3  sing N N 192 
LYS NZ  HZ1  sing N N 193 
LYS NZ  HZ2  sing N N 194 
LYS NZ  HZ3  sing N N 195 
LYS OXT HXT  sing N N 196 
MET N   CA   sing N N 197 
MET N   H    sing N N 198 
MET N   H2   sing N N 199 
MET CA  C    sing N N 200 
MET CA  CB   sing N N 201 
MET CA  HA   sing N N 202 
MET C   O    doub N N 203 
MET C   OXT  sing N N 204 
MET CB  CG   sing N N 205 
MET CB  HB2  sing N N 206 
MET CB  HB3  sing N N 207 
MET CG  SD   sing N N 208 
MET CG  HG2  sing N N 209 
MET CG  HG3  sing N N 210 
MET SD  CE   sing N N 211 
MET CE  HE1  sing N N 212 
MET CE  HE2  sing N N 213 
MET CE  HE3  sing N N 214 
MET OXT HXT  sing N N 215 
PHE N   CA   sing N N 216 
PHE N   H    sing N N 217 
PHE N   H2   sing N N 218 
PHE CA  C    sing N N 219 
PHE CA  CB   sing N N 220 
PHE CA  HA   sing N N 221 
PHE C   O    doub N N 222 
PHE C   OXT  sing N N 223 
PHE CB  CG   sing N N 224 
PHE CB  HB2  sing N N 225 
PHE CB  HB3  sing N N 226 
PHE CG  CD1  doub Y N 227 
PHE CG  CD2  sing Y N 228 
PHE CD1 CE1  sing Y N 229 
PHE CD1 HD1  sing N N 230 
PHE CD2 CE2  doub Y N 231 
PHE CD2 HD2  sing N N 232 
PHE CE1 CZ   doub Y N 233 
PHE CE1 HE1  sing N N 234 
PHE CE2 CZ   sing Y N 235 
PHE CE2 HE2  sing N N 236 
PHE CZ  HZ   sing N N 237 
PHE OXT HXT  sing N N 238 
PRO N   CA   sing N N 239 
PRO N   CD   sing N N 240 
PRO N   H    sing N N 241 
PRO CA  C    sing N N 242 
PRO CA  CB   sing N N 243 
PRO CA  HA   sing N N 244 
PRO C   O    doub N N 245 
PRO C   OXT  sing N N 246 
PRO CB  CG   sing N N 247 
PRO CB  HB2  sing N N 248 
PRO CB  HB3  sing N N 249 
PRO CG  CD   sing N N 250 
PRO CG  HG2  sing N N 251 
PRO CG  HG3  sing N N 252 
PRO CD  HD2  sing N N 253 
PRO CD  HD3  sing N N 254 
PRO OXT HXT  sing N N 255 
SER N   CA   sing N N 256 
SER N   H    sing N N 257 
SER N   H2   sing N N 258 
SER CA  C    sing N N 259 
SER CA  CB   sing N N 260 
SER CA  HA   sing N N 261 
SER C   O    doub N N 262 
SER C   OXT  sing N N 263 
SER CB  OG   sing N N 264 
SER CB  HB2  sing N N 265 
SER CB  HB3  sing N N 266 
SER OG  HG   sing N N 267 
SER OXT HXT  sing N N 268 
THR N   CA   sing N N 269 
THR N   H    sing N N 270 
THR N   H2   sing N N 271 
THR CA  C    sing N N 272 
THR CA  CB   sing N N 273 
THR CA  HA   sing N N 274 
THR C   O    doub N N 275 
THR C   OXT  sing N N 276 
THR CB  OG1  sing N N 277 
THR CB  CG2  sing N N 278 
THR CB  HB   sing N N 279 
THR OG1 HG1  sing N N 280 
THR CG2 HG21 sing N N 281 
THR CG2 HG22 sing N N 282 
THR CG2 HG23 sing N N 283 
THR OXT HXT  sing N N 284 
TRP N   CA   sing N N 285 
TRP N   H    sing N N 286 
TRP N   H2   sing N N 287 
TRP CA  C    sing N N 288 
TRP CA  CB   sing N N 289 
TRP CA  HA   sing N N 290 
TRP C   O    doub N N 291 
TRP C   OXT  sing N N 292 
TRP CB  CG   sing N N 293 
TRP CB  HB2  sing N N 294 
TRP CB  HB3  sing N N 295 
TRP CG  CD1  doub Y N 296 
TRP CG  CD2  sing Y N 297 
TRP CD1 NE1  sing Y N 298 
TRP CD1 HD1  sing N N 299 
TRP CD2 CE2  doub Y N 300 
TRP CD2 CE3  sing Y N 301 
TRP NE1 CE2  sing Y N 302 
TRP NE1 HE1  sing N N 303 
TRP CE2 CZ2  sing Y N 304 
TRP CE3 CZ3  doub Y N 305 
TRP CE3 HE3  sing N N 306 
TRP CZ2 CH2  doub Y N 307 
TRP CZ2 HZ2  sing N N 308 
TRP CZ3 CH2  sing Y N 309 
TRP CZ3 HZ3  sing N N 310 
TRP CH2 HH2  sing N N 311 
TRP OXT HXT  sing N N 312 
TYR N   CA   sing N N 313 
TYR N   H    sing N N 314 
TYR N   H2   sing N N 315 
TYR CA  C    sing N N 316 
TYR CA  CB   sing N N 317 
TYR CA  HA   sing N N 318 
TYR C   O    doub N N 319 
TYR C   OXT  sing N N 320 
TYR CB  CG   sing N N 321 
TYR CB  HB2  sing N N 322 
TYR CB  HB3  sing N N 323 
TYR CG  CD1  doub Y N 324 
TYR CG  CD2  sing Y N 325 
TYR CD1 CE1  sing Y N 326 
TYR CD1 HD1  sing N N 327 
TYR CD2 CE2  doub Y N 328 
TYR CD2 HD2  sing N N 329 
TYR CE1 CZ   doub Y N 330 
TYR CE1 HE1  sing N N 331 
TYR CE2 CZ   sing Y N 332 
TYR CE2 HE2  sing N N 333 
TYR CZ  OH   sing N N 334 
TYR OH  HH   sing N N 335 
TYR OXT HXT  sing N N 336 
VAL N   CA   sing N N 337 
VAL N   H    sing N N 338 
VAL N   H2   sing N N 339 
VAL CA  C    sing N N 340 
VAL CA  CB   sing N N 341 
VAL CA  HA   sing N N 342 
VAL C   O    doub N N 343 
VAL C   OXT  sing N N 344 
VAL CB  CG1  sing N N 345 
VAL CB  CG2  sing N N 346 
VAL CB  HB   sing N N 347 
VAL CG1 HG11 sing N N 348 
VAL CG1 HG12 sing N N 349 
VAL CG1 HG13 sing N N 350 
VAL CG2 HG21 sing N N 351 
VAL CG2 HG22 sing N N 352 
VAL CG2 HG23 sing N N 353 
VAL OXT HXT  sing N N 354 
# 
_atom_sites.entry_id                    3SSI 
_atom_sites.fract_transf_matrix[1][1]   0.02367831 
_atom_sites.fract_transf_matrix[1][2]   -0.01426981 
_atom_sites.fract_transf_matrix[1][3]   -0.00624994 
_atom_sites.fract_transf_matrix[2][1]   0.01384571 
_atom_sites.fract_transf_matrix[2][2]   0.00539660 
_atom_sites.fract_transf_matrix[2][3]   -0.02413501 
_atom_sites.fract_transf_matrix[3][1]   0.00471503 
_atom_sites.fract_transf_matrix[3][2]   0.00604689 
_atom_sites.fract_transf_matrix[3][3]   0.00405699 
_atom_sites.fract_transf_vector[1]      0.704387 
_atom_sites.fract_transf_vector[2]      0.405140 
_atom_sites.fract_transf_vector[3]      0.540621 
# 
loop_
_atom_type.symbol 
C 
N 
O 
S 
# 
loop_
_atom_site.group_PDB 
_atom_site.id 
_atom_site.type_symbol 
_atom_site.label_atom_id 
_atom_site.label_alt_id 
_atom_site.label_comp_id 
_atom_site.label_asym_id 
_atom_site.label_entity_id 
_atom_site.label_seq_id 
_atom_site.pdbx_PDB_ins_code 
_atom_site.Cartn_x 
_atom_site.Cartn_y 
_atom_site.Cartn_z 
_atom_site.occupancy 
_atom_site.B_iso_or_equiv 
_atom_site.pdbx_formal_charge 
_atom_site.auth_seq_id 
_atom_site.auth_comp_id 
_atom_site.auth_asym_id 
_atom_site.auth_atom_id 
_atom_site.pdbx_PDB_model_num 
ATOM   1   N N   . LEU A 1 6   ? -9.620  -12.202 -21.742 1.00 42.93 ? 6   LEU A N   1 
ATOM   2   C CA  . LEU A 1 6   ? -9.983  -11.342 -20.576 1.00 42.31 ? 6   LEU A CA  1 
ATOM   3   C C   . LEU A 1 6   ? -9.474  -12.023 -19.327 1.00 39.55 ? 6   LEU A C   1 
ATOM   4   O O   . LEU A 1 6   ? -9.440  -13.252 -19.259 1.00 34.46 ? 6   LEU A O   1 
ATOM   5   C CB  . LEU A 1 6   ? -11.503 -11.201 -20.441 1.00 47.35 ? 6   LEU A CB  1 
ATOM   6   C CG  . LEU A 1 6   ? -12.272 -10.169 -21.270 1.00 57.37 ? 6   LEU A CG  1 
ATOM   7   C CD1 . LEU A 1 6   ? -13.637 -10.746 -21.730 1.00 58.29 ? 6   LEU A CD1 1 
ATOM   8   C CD2 . LEU A 1 6   ? -12.443 -8.871  -20.459 1.00 56.32 ? 6   LEU A CD2 1 
ATOM   9   N N   . TYR A 1 7   ? -9.120  -11.214 -18.338 1.00 35.74 ? 7   TYR A N   1 
ATOM   10  C CA  . TYR A 1 7   ? -8.634  -11.703 -17.059 1.00 32.92 ? 7   TYR A CA  1 
ATOM   11  C C   . TYR A 1 7   ? -9.302  -10.824 -16.010 1.00 30.52 ? 7   TYR A C   1 
ATOM   12  O O   . TYR A 1 7   ? -9.835  -9.766  -16.348 1.00 30.39 ? 7   TYR A O   1 
ATOM   13  C CB  . TYR A 1 7   ? -7.104  -11.577 -16.985 1.00 33.51 ? 7   TYR A CB  1 
ATOM   14  C CG  . TYR A 1 7   ? -6.573  -10.294 -17.594 1.00 39.82 ? 7   TYR A CG  1 
ATOM   15  C CD1 . TYR A 1 7   ? -6.358  -10.195 -18.965 1.00 41.31 ? 7   TYR A CD1 1 
ATOM   16  C CD2 . TYR A 1 7   ? -6.323  -9.161  -16.806 1.00 39.32 ? 7   TYR A CD2 1 
ATOM   17  C CE1 . TYR A 1 7   ? -5.914  -9.005  -19.542 1.00 40.89 ? 7   TYR A CE1 1 
ATOM   18  C CE2 . TYR A 1 7   ? -5.880  -7.964  -17.381 1.00 34.97 ? 7   TYR A CE2 1 
ATOM   19  C CZ  . TYR A 1 7   ? -5.677  -7.899  -18.746 1.00 37.59 ? 7   TYR A CZ  1 
ATOM   20  O OH  . TYR A 1 7   ? -5.216  -6.747  -19.335 1.00 37.84 ? 7   TYR A OH  1 
ATOM   21  N N   . ALA A 1 8   ? -9.362  -11.295 -14.768 1.00 27.86 ? 8   ALA A N   1 
ATOM   22  C CA  . ALA A 1 8   ? -9.933  -10.495 -13.697 1.00 24.32 ? 8   ALA A CA  1 
ATOM   23  C C   . ALA A 1 8   ? -8.920  -9.363  -13.522 1.00 25.05 ? 8   ALA A C   1 
ATOM   24  O O   . ALA A 1 8   ? -7.718  -9.603  -13.334 1.00 28.82 ? 8   ALA A O   1 
ATOM   25  C CB  . ALA A 1 8   ? -10.034 -11.301 -12.454 1.00 20.76 ? 8   ALA A CB  1 
ATOM   26  N N   . PRO A 1 9   ? -9.371  -8.115  -13.613 1.00 22.85 ? 9   PRO A N   1 
ATOM   27  C CA  . PRO A 1 9   ? -8.420  -7.009  -13.461 1.00 21.34 ? 9   PRO A CA  1 
ATOM   28  C C   . PRO A 1 9   ? -7.812  -6.788  -12.066 1.00 20.67 ? 9   PRO A C   1 
ATOM   29  O O   . PRO A 1 9   ? -8.417  -7.139  -11.052 1.00 23.63 ? 9   PRO A O   1 
ATOM   30  C CB  . PRO A 1 9   ? -9.223  -5.810  -13.958 1.00 21.62 ? 9   PRO A CB  1 
ATOM   31  C CG  . PRO A 1 9   ? -10.625 -6.146  -13.551 1.00 20.12 ? 9   PRO A CG  1 
ATOM   32  C CD  . PRO A 1 9   ? -10.743 -7.629  -13.845 1.00 23.58 ? 9   PRO A CD  1 
ATOM   33  N N   . SER A 1 10  ? -6.579  -6.270  -12.047 1.00 22.82 ? 10  SER A N   1 
ATOM   34  C CA  . SER A 1 10  ? -5.822  -5.927  -10.829 1.00 19.34 ? 10  SER A CA  1 
ATOM   35  C C   . SER A 1 10  ? -5.045  -4.637  -11.115 1.00 19.16 ? 10  SER A C   1 
ATOM   36  O O   . SER A 1 10  ? -3.988  -4.668  -11.743 1.00 19.05 ? 10  SER A O   1 
ATOM   37  C CB  . SER A 1 10  ? -4.839  -7.024  -10.447 1.00 15.59 ? 10  SER A CB  1 
ATOM   38  O OG  . SER A 1 10  ? -5.504  -8.126  -9.869  1.00 31.23 ? 10  SER A OG  1 
ATOM   39  N N   . ALA A 1 11  ? -5.612  -3.511  -10.702 1.00 16.73 ? 11  ALA A N   1 
ATOM   40  C CA  . ALA A 1 11  ? -5.029  -2.200  -10.913 1.00 17.55 ? 11  ALA A CA  1 
ATOM   41  C C   . ALA A 1 11  ? -5.410  -1.328  -9.710  1.00 24.51 ? 11  ALA A C   1 
ATOM   42  O O   . ALA A 1 11  ? -6.599  -1.197  -9.368  1.00 22.10 ? 11  ALA A O   1 
ATOM   43  C CB  . ALA A 1 11  ? -5.543  -1.595  -12.190 1.00 7.82  ? 11  ALA A CB  1 
ATOM   44  N N   . LEU A 1 12  ? -4.379  -0.723  -9.106  1.00 28.54 ? 12  LEU A N   1 
ATOM   45  C CA  . LEU A 1 12  ? -4.489  0.103   -7.907  1.00 25.16 ? 12  LEU A CA  1 
ATOM   46  C C   . LEU A 1 12  ? -3.665  1.392   -7.959  1.00 22.22 ? 12  LEU A C   1 
ATOM   47  O O   . LEU A 1 12  ? -2.724  1.487   -8.755  1.00 18.41 ? 12  LEU A O   1 
ATOM   48  C CB  . LEU A 1 12  ? -3.960  -0.719  -6.737  1.00 20.87 ? 12  LEU A CB  1 
ATOM   49  C CG  . LEU A 1 12  ? -4.604  -2.075  -6.447  1.00 19.39 ? 12  LEU A CG  1 
ATOM   50  C CD1 . LEU A 1 12  ? -3.603  -2.950  -5.718  1.00 16.88 ? 12  LEU A CD1 1 
ATOM   51  C CD2 . LEU A 1 12  ? -5.867  -1.891  -5.618  1.00 19.82 ? 12  LEU A CD2 1 
ATOM   52  N N   . VAL A 1 13  ? -4.101  2.395   -7.178  1.00 24.00 ? 13  VAL A N   1 
ATOM   53  C CA  . VAL A 1 13  ? -3.392  3.686   -6.980  1.00 25.69 ? 13  VAL A CA  1 
ATOM   54  C C   . VAL A 1 13  ? -3.234  3.845   -5.471  1.00 24.85 ? 13  VAL A C   1 
ATOM   55  O O   . VAL A 1 13  ? -4.220  3.797   -4.706  1.00 21.63 ? 13  VAL A O   1 
ATOM   56  C CB  . VAL A 1 13  ? -4.101  5.014   -7.495  1.00 22.51 ? 13  VAL A CB  1 
ATOM   57  C CG1 . VAL A 1 13  ? -4.024  5.131   -8.985  1.00 28.08 ? 13  VAL A CG1 1 
ATOM   58  C CG2 . VAL A 1 13  ? -5.525  5.112   -7.026  1.00 23.85 ? 13  VAL A CG2 1 
ATOM   59  N N   . LEU A 1 14  ? -1.996  3.976   -5.029  1.00 21.30 ? 14  LEU A N   1 
ATOM   60  C CA  . LEU A 1 14  ? -1.752  4.156   -3.619  1.00 20.20 ? 14  LEU A CA  1 
ATOM   61  C C   . LEU A 1 14  ? -1.246  5.577   -3.412  1.00 22.04 ? 14  LEU A C   1 
ATOM   62  O O   . LEU A 1 14  ? -0.472  6.088   -4.233  1.00 23.38 ? 14  LEU A O   1 
ATOM   63  C CB  . LEU A 1 14  ? -0.731  3.133   -3.137  1.00 23.64 ? 14  LEU A CB  1 
ATOM   64  C CG  . LEU A 1 14  ? -0.955  1.671   -3.508  1.00 17.35 ? 14  LEU A CG  1 
ATOM   65  C CD1 . LEU A 1 14  ? -0.222  1.361   -4.787  1.00 23.02 ? 14  LEU A CD1 1 
ATOM   66  C CD2 . LEU A 1 14  ? -0.429  0.791   -2.404  1.00 18.82 ? 14  LEU A CD2 1 
ATOM   67  N N   . THR A 1 15  ? -1.748  6.250   -2.380  1.00 22.30 ? 15  THR A N   1 
ATOM   68  C CA  . THR A 1 15  ? -1.312  7.610   -2.073  1.00 22.75 ? 15  THR A CA  1 
ATOM   69  C C   . THR A 1 15  ? -0.971  7.714   -0.584  1.00 26.08 ? 15  THR A C   1 
ATOM   70  O O   . THR A 1 15  ? -1.624  7.081   0.253   1.00 30.21 ? 15  THR A O   1 
ATOM   71  C CB  . THR A 1 15  ? -2.380  8.675   -2.418  1.00 20.62 ? 15  THR A CB  1 
ATOM   72  O OG1 . THR A 1 15  ? -3.364  8.719   -1.387  1.00 21.12 ? 15  THR A OG1 1 
ATOM   73  C CG2 . THR A 1 15  ? -3.057  8.377   -3.742  1.00 18.75 ? 15  THR A CG2 1 
ATOM   74  N N   . VAL A 1 16  ? 0.064   8.479   -0.254  1.00 27.49 ? 16  VAL A N   1 
ATOM   75  C CA  . VAL A 1 16  ? 0.471   8.661   1.144   1.00 23.82 ? 16  VAL A CA  1 
ATOM   76  C C   . VAL A 1 16  ? 0.639   10.144  1.396   1.00 22.39 ? 16  VAL A C   1 
ATOM   77  O O   . VAL A 1 16  ? 1.060   10.884  0.501   1.00 27.21 ? 16  VAL A O   1 
ATOM   78  C CB  . VAL A 1 16  ? 1.794   7.914   1.466   1.00 23.49 ? 16  VAL A CB  1 
ATOM   79  C CG1 . VAL A 1 16  ? 2.982   8.512   0.726   1.00 22.39 ? 16  VAL A CG1 1 
ATOM   80  C CG2 . VAL A 1 16  ? 2.037   7.901   2.935   1.00 21.00 ? 16  VAL A CG2 1 
ATOM   81  N N   . GLY A 1 17  ? 0.245   10.587  2.581   1.00 22.73 ? 17  GLY A N   1 
ATOM   82  C CA  . GLY A 1 17  ? 0.364   11.986  2.940   1.00 20.17 ? 17  GLY A CA  1 
ATOM   83  C C   . GLY A 1 17  ? 0.399   12.085  4.446   1.00 23.79 ? 17  GLY A C   1 
ATOM   84  O O   . GLY A 1 17  ? -0.146  11.224  5.124   1.00 27.60 ? 17  GLY A O   1 
ATOM   85  N N   . LYS A 1 18  ? 1.068   13.098  4.990   1.00 27.36 ? 18  LYS A N   1 
ATOM   86  C CA  . LYS A 1 18  ? 1.138   13.260  6.435   1.00 21.22 ? 18  LYS A CA  1 
ATOM   87  C C   . LYS A 1 18  ? -0.203  13.795  6.848   1.00 19.46 ? 18  LYS A C   1 
ATOM   88  O O   . LYS A 1 18  ? -0.672  14.787  6.291   1.00 22.63 ? 18  LYS A O   1 
ATOM   89  C CB  . LYS A 1 18  ? 2.231   14.244  6.827   1.00 23.24 ? 18  LYS A CB  1 
ATOM   90  C CG  . LYS A 1 18  ? 3.637   13.740  6.657   1.00 21.95 ? 18  LYS A CG  1 
ATOM   91  C CD  . LYS A 1 18  ? 4.578   14.637  7.439   1.00 37.94 ? 18  LYS A CD  1 
ATOM   92  C CE  . LYS A 1 18  ? 6.016   14.596  6.915   1.00 41.53 ? 18  LYS A CE  1 
ATOM   93  N NZ  . LYS A 1 18  ? 6.617   13.235  6.977   1.00 49.72 ? 18  LYS A NZ  1 
ATOM   94  N N   . GLY A 1 19  ? -0.833  13.124  7.798   1.00 16.64 ? 19  GLY A N   1 
ATOM   95  C CA  . GLY A 1 19  ? -2.148  13.531  8.257   1.00 19.33 ? 19  GLY A CA  1 
ATOM   96  C C   . GLY A 1 19  ? -2.836  12.393  9.005   1.00 24.23 ? 19  GLY A C   1 
ATOM   97  O O   . GLY A 1 19  ? -2.216  11.376  9.339   1.00 28.80 ? 19  GLY A O   1 
ATOM   98  N N   . VAL A 1 20  ? -4.124  12.515  9.260   1.00 25.93 ? 20  VAL A N   1 
ATOM   99  C CA  . VAL A 1 20  ? -4.771  11.441  9.982   1.00 27.36 ? 20  VAL A CA  1 
ATOM   100 C C   . VAL A 1 20  ? -6.093  10.962  9.345   1.00 27.68 ? 20  VAL A C   1 
ATOM   101 O O   . VAL A 1 20  ? -6.698  9.990   9.801   1.00 26.41 ? 20  VAL A O   1 
ATOM   102 C CB  . VAL A 1 20  ? -4.892  11.846  11.479  1.00 26.77 ? 20  VAL A CB  1 
ATOM   103 C CG1 . VAL A 1 20  ? -6.341  12.061  11.898  1.00 25.33 ? 20  VAL A CG1 1 
ATOM   104 C CG2 . VAL A 1 20  ? -4.160  10.850  12.348  1.00 21.21 ? 20  VAL A CG2 1 
ATOM   105 N N   . SER A 1 21  ? -6.504  11.610  8.262   1.00 27.17 ? 21  SER A N   1 
ATOM   106 C CA  . SER A 1 21  ? -7.736  11.247  7.568   1.00 34.76 ? 21  SER A CA  1 
ATOM   107 C C   . SER A 1 21  ? -7.639  11.853  6.175   1.00 37.45 ? 21  SER A C   1 
ATOM   108 O O   . SER A 1 21  ? -6.935  12.853  5.992   1.00 42.33 ? 21  SER A O   1 
ATOM   109 C CB  . SER A 1 21  ? -8.947  11.825  8.290   1.00 37.15 ? 21  SER A CB  1 
ATOM   110 O OG  . SER A 1 21  ? -9.088  13.214  8.005   1.00 45.63 ? 21  SER A OG  1 
ATOM   111 N N   . ALA A 1 22  ? -8.371  11.292  5.214   1.00 36.29 ? 22  ALA A N   1 
ATOM   112 C CA  . ALA A 1 22  ? -8.318  11.762  3.835   1.00 31.97 ? 22  ALA A CA  1 
ATOM   113 C C   . ALA A 1 22  ? -8.706  13.219  3.675   1.00 31.77 ? 22  ALA A C   1 
ATOM   114 O O   . ALA A 1 22  ? -8.318  13.873  2.705   1.00 30.31 ? 22  ALA A O   1 
ATOM   115 C CB  . ALA A 1 22  ? -9.168  10.889  2.962   1.00 32.60 ? 22  ALA A CB  1 
ATOM   116 N N   . THR A 1 23  ? -9.466  13.724  4.639   1.00 35.67 ? 23  THR A N   1 
ATOM   117 C CA  . THR A 1 23  ? -9.902  15.118  4.632   1.00 37.02 ? 23  THR A CA  1 
ATOM   118 C C   . THR A 1 23  ? -8.770  16.027  5.095   1.00 35.11 ? 23  THR A C   1 
ATOM   119 O O   . THR A 1 23  ? -8.642  17.146  4.591   1.00 35.28 ? 23  THR A O   1 
ATOM   120 C CB  . THR A 1 23  ? -11.144 15.324  5.556   1.00 41.22 ? 23  THR A CB  1 
ATOM   121 O OG1 . THR A 1 23  ? -12.293 14.687  4.973   1.00 46.38 ? 23  THR A OG1 1 
ATOM   122 C CG2 . THR A 1 23  ? -11.451 16.794  5.760   1.00 45.50 ? 23  THR A CG2 1 
ATOM   123 N N   . THR A 1 24  ? -7.939  15.528  6.019   1.00 34.26 ? 24  THR A N   1 
ATOM   124 C CA  . THR A 1 24  ? -6.814  16.294  6.589   1.00 33.14 ? 24  THR A CA  1 
ATOM   125 C C   . THR A 1 24  ? -5.393  15.883  6.173   1.00 33.20 ? 24  THR A C   1 
ATOM   126 O O   . THR A 1 24  ? -4.428  16.281  6.827   1.00 33.44 ? 24  THR A O   1 
ATOM   127 C CB  . THR A 1 24  ? -6.820  16.246  8.144   1.00 33.53 ? 24  THR A CB  1 
ATOM   128 O OG1 . THR A 1 24  ? -6.168  15.052  8.600   1.00 29.79 ? 24  THR A OG1 1 
ATOM   129 C CG2 . THR A 1 24  ? -8.233  16.290  8.684   1.00 37.85 ? 24  THR A CG2 1 
ATOM   130 N N   . ALA A 1 25  ? -5.250  15.041  5.158   1.00 31.91 ? 25  ALA A N   1 
ATOM   131 C CA  . ALA A 1 25  ? -3.924  14.612  4.742   1.00 26.18 ? 25  ALA A CA  1 
ATOM   132 C C   . ALA A 1 25  ? -3.820  14.732  3.245   1.00 24.99 ? 25  ALA A C   1 
ATOM   133 O O   . ALA A 1 25  ? -4.413  13.951  2.525   1.00 33.28 ? 25  ALA A O   1 
ATOM   134 C CB  . ALA A 1 25  ? -3.661  13.167  5.182   1.00 24.39 ? 25  ALA A CB  1 
ATOM   135 N N   . ALA A 1 26  ? -3.104  15.742  2.777   1.00 22.61 ? 26  ALA A N   1 
ATOM   136 C CA  . ALA A 1 26  ? -2.925  15.959  1.362   1.00 18.29 ? 26  ALA A CA  1 
ATOM   137 C C   . ALA A 1 26  ? -2.080  14.835  0.737   1.00 25.31 ? 26  ALA A C   1 
ATOM   138 O O   . ALA A 1 26  ? -1.155  14.316  1.372   1.00 24.79 ? 26  ALA A O   1 
ATOM   139 C CB  . ALA A 1 26  ? -2.273  17.291  1.149   1.00 22.52 ? 26  ALA A CB  1 
ATOM   140 N N   . PRO A 1 27  ? -2.438  14.387  -0.491  1.00 25.80 ? 27  PRO A N   1 
ATOM   141 C CA  . PRO A 1 27  ? -1.681  13.321  -1.154  1.00 22.30 ? 27  PRO A CA  1 
ATOM   142 C C   . PRO A 1 27  ? -0.355  13.850  -1.640  1.00 20.86 ? 27  PRO A C   1 
ATOM   143 O O   . PRO A 1 27  ? -0.312  14.536  -2.654  1.00 22.86 ? 27  PRO A O   1 
ATOM   144 C CB  . PRO A 1 27  ? -2.574  12.947  -2.336  1.00 20.55 ? 27  PRO A CB  1 
ATOM   145 C CG  . PRO A 1 27  ? -3.316  14.202  -2.621  1.00 19.54 ? 27  PRO A CG  1 
ATOM   146 C CD  . PRO A 1 27  ? -3.653  14.721  -1.265  1.00 21.86 ? 27  PRO A CD  1 
ATOM   147 N N   . GLU A 1 28  ? 0.726   13.511  -0.947  1.00 20.94 ? 28  GLU A N   1 
ATOM   148 C CA  . GLU A 1 28  ? 2.050   13.994  -1.333  1.00 23.82 ? 28  GLU A CA  1 
ATOM   149 C C   . GLU A 1 28  ? 2.671   13.147  -2.432  1.00 24.24 ? 28  GLU A C   1 
ATOM   150 O O   . GLU A 1 28  ? 3.263   13.670  -3.377  1.00 24.07 ? 28  GLU A O   1 
ATOM   151 C CB  . GLU A 1 28  ? 2.998   14.015  -0.138  1.00 25.74 ? 28  GLU A CB  1 
ATOM   152 C CG  . GLU A 1 28  ? 2.529   14.835  1.049   1.00 34.74 ? 28  GLU A CG  1 
ATOM   153 C CD  . GLU A 1 28  ? 3.570   14.890  2.175   1.00 42.20 ? 28  GLU A CD  1 
ATOM   154 O OE1 . GLU A 1 28  ? 4.641   14.213  2.081   1.00 41.94 ? 28  GLU A OE1 1 
ATOM   155 O OE2 . GLU A 1 28  ? 3.308   15.625  3.158   1.00 46.80 ? 28  GLU A OE2 1 
ATOM   156 N N   . ARG A 1 29  ? 2.587   11.836  -2.268  1.00 23.49 ? 29  ARG A N   1 
ATOM   157 C CA  . ARG A 1 29  ? 3.123   10.904  -3.245  1.00 23.67 ? 29  ARG A CA  1 
ATOM   158 C C   . ARG A 1 29  ? 1.997   9.950   -3.670  1.00 23.13 ? 29  ARG A C   1 
ATOM   159 O O   . ARG A 1 29  ? 1.094   9.666   -2.883  1.00 24.79 ? 29  ARG A O   1 
ATOM   160 C CB  . ARG A 1 29  ? 4.264   10.120  -2.615  1.00 28.24 ? 29  ARG A CB  1 
ATOM   161 C CG  . ARG A 1 29  ? 5.643   10.643  -2.919  1.00 26.02 ? 29  ARG A CG  1 
ATOM   162 C CD  . ARG A 1 29  ? 6.638   9.936   -2.040  1.00 22.52 ? 29  ARG A CD  1 
ATOM   163 N NE  . ARG A 1 29  ? 6.398   10.306  -0.653  1.00 29.73 ? 29  ARG A NE  1 
ATOM   164 C CZ  . ARG A 1 29  ? 6.409   9.463   0.374   1.00 30.85 ? 29  ARG A CZ  1 
ATOM   165 N NH1 . ARG A 1 29  ? 6.661   8.173   0.196   1.00 31.82 ? 29  ARG A NH1 1 
ATOM   166 N NH2 . ARG A 1 29  ? 6.177   9.926   1.594   1.00 41.25 ? 29  ARG A NH2 1 
ATOM   167 N N   . ALA A 1 30  ? 2.061   9.453   -4.902  1.00 23.00 ? 30  ALA A N   1 
ATOM   168 C CA  . ALA A 1 30  ? 1.042   8.551   -5.436  1.00 23.10 ? 30  ALA A CA  1 
ATOM   169 C C   . ALA A 1 30  ? 1.620   7.622   -6.507  1.00 24.40 ? 30  ALA A C   1 
ATOM   170 O O   . ALA A 1 30  ? 2.202   8.096   -7.485  1.00 29.15 ? 30  ALA A O   1 
ATOM   171 C CB  . ALA A 1 30  ? -0.095  9.364   -6.029  1.00 20.09 ? 30  ALA A CB  1 
ATOM   172 N N   . VAL A 1 31  ? 1.472   6.312   -6.332  1.00 22.51 ? 31  VAL A N   1 
ATOM   173 C CA  . VAL A 1 31  ? 1.959   5.356   -7.326  1.00 20.14 ? 31  VAL A CA  1 
ATOM   174 C C   . VAL A 1 31  ? 0.874   4.390   -7.835  1.00 24.81 ? 31  VAL A C   1 
ATOM   175 O O   . VAL A 1 31  ? 0.030   3.918   -7.064  1.00 26.17 ? 31  VAL A O   1 
ATOM   176 C CB  . VAL A 1 31  ? 3.080   4.496   -6.768  1.00 17.39 ? 31  VAL A CB  1 
ATOM   177 C CG1 . VAL A 1 31  ? 4.348   5.275   -6.678  1.00 16.83 ? 31  VAL A CG1 1 
ATOM   178 C CG2 . VAL A 1 31  ? 2.690   3.949   -5.434  1.00 17.26 ? 31  VAL A CG2 1 
ATOM   179 N N   . THR A 1 32  ? 0.888   4.092   -9.131  1.00 24.72 ? 32  THR A N   1 
ATOM   180 C CA  . THR A 1 32  ? -0.075  3.136   -9.682  1.00 22.24 ? 32  THR A CA  1 
ATOM   181 C C   . THR A 1 32  ? 0.590   1.758   -9.616  1.00 23.46 ? 32  THR A C   1 
ATOM   182 O O   . THR A 1 32  ? 1.827   1.656   -9.626  1.00 26.22 ? 32  THR A O   1 
ATOM   183 C CB  . THR A 1 32  ? -0.486  3.464   -11.153 1.00 20.44 ? 32  THR A CB  1 
ATOM   184 O OG1 . THR A 1 32  ? 0.672   3.670   -11.970 1.00 20.32 ? 32  THR A OG1 1 
ATOM   185 C CG2 . THR A 1 32  ? -1.364  4.702   -11.223 1.00 18.10 ? 32  THR A CG2 1 
ATOM   186 N N   . LEU A 1 33  ? -0.219  0.705   -9.501  1.00 22.75 ? 33  LEU A N   1 
ATOM   187 C CA  . LEU A 1 33  ? 0.293   -0.666  -9.438  1.00 22.37 ? 33  LEU A CA  1 
ATOM   188 C C   . LEU A 1 33  ? -0.622  -1.618  -10.194 1.00 26.47 ? 33  LEU A C   1 
ATOM   189 O O   . LEU A 1 33  ? -1.830  -1.678  -9.930  1.00 27.85 ? 33  LEU A O   1 
ATOM   190 C CB  . LEU A 1 33  ? 0.371   -1.122  -7.995  1.00 14.48 ? 33  LEU A CB  1 
ATOM   191 C CG  . LEU A 1 33  ? 0.979   -2.484  -7.728  1.00 15.07 ? 33  LEU A CG  1 
ATOM   192 C CD1 . LEU A 1 33  ? 2.443   -2.487  -8.136  1.00 15.43 ? 33  LEU A CD1 1 
ATOM   193 C CD2 . LEU A 1 33  ? 0.827   -2.816  -6.222  1.00 18.82 ? 33  LEU A CD2 1 
ATOM   194 N N   . THR A 1 34  ? -0.046  -2.371  -11.121 1.00 29.21 ? 34  THR A N   1 
ATOM   195 C CA  . THR A 1 34  ? -0.799  -3.341  -11.918 1.00 28.84 ? 34  THR A CA  1 
ATOM   196 C C   . THR A 1 34  ? -0.213  -4.730  -11.672 1.00 29.99 ? 34  THR A C   1 
ATOM   197 O O   . THR A 1 34  ? 1.013   -4.899  -11.662 1.00 32.09 ? 34  THR A O   1 
ATOM   198 C CB  . THR A 1 34  ? -0.731  -2.972  -13.427 1.00 27.59 ? 34  THR A CB  1 
ATOM   199 O OG1 . THR A 1 34  ? -1.592  -1.851  -13.683 1.00 26.20 ? 34  THR A OG1 1 
ATOM   200 C CG2 . THR A 1 34  ? -1.114  -4.146  -14.318 1.00 28.53 ? 34  THR A CG2 1 
ATOM   201 N N   . CYS A 1 35  ? -1.077  -5.710  -11.424 1.00 30.63 ? 35  CYS A N   1 
ATOM   202 C CA  . CYS A 1 35  ? -0.613  -7.077  -11.186 1.00 30.04 ? 35  CYS A CA  1 
ATOM   203 C C   . CYS A 1 35  ? -1.165  -8.156  -12.139 1.00 33.49 ? 35  CYS A C   1 
ATOM   204 O O   . CYS A 1 35  ? -0.878  -9.346  -11.982 1.00 36.06 ? 35  CYS A O   1 
ATOM   205 C CB  . CYS A 1 35  ? -0.876  -7.459  -9.737  1.00 25.18 ? 35  CYS A CB  1 
ATOM   206 S SG  . CYS A 1 35  ? 0.015   -6.386  -8.560  1.00 29.77 ? 35  CYS A SG  1 
ATOM   207 N N   . ALA A 1 36  ? -1.939  -7.743  -13.138 1.00 34.50 ? 36  ALA A N   1 
ATOM   208 C CA  . ALA A 1 36  ? -2.522  -8.681  -14.094 1.00 35.04 ? 36  ALA A CA  1 
ATOM   209 C C   . ALA A 1 36  ? -2.573  -7.991  -15.428 1.00 32.80 ? 36  ALA A C   1 
ATOM   210 O O   . ALA A 1 36  ? -3.069  -6.868  -15.518 1.00 34.30 ? 36  ALA A O   1 
ATOM   211 C CB  . ALA A 1 36  ? -3.936  -9.094  -13.664 1.00 31.87 ? 36  ALA A CB  1 
ATOM   212 N N   . PRO A 1 37  ? -2.088  -8.656  -16.490 1.00 34.15 ? 37  PRO A N   1 
ATOM   213 C CA  . PRO A 1 37  ? -1.508  -9.999  -16.484 1.00 36.19 ? 37  PRO A CA  1 
ATOM   214 C C   . PRO A 1 37  ? -0.118  -10.068 -15.863 1.00 38.90 ? 37  PRO A C   1 
ATOM   215 O O   . PRO A 1 37  ? 0.369   -11.144 -15.516 1.00 39.25 ? 37  PRO A O   1 
ATOM   216 C CB  . PRO A 1 37  ? -1.480  -10.360 -17.969 1.00 37.99 ? 37  PRO A CB  1 
ATOM   217 C CG  . PRO A 1 37  ? -1.262  -9.069  -18.625 1.00 36.57 ? 37  PRO A CG  1 
ATOM   218 C CD  . PRO A 1 37  ? -2.214  -8.166  -17.874 1.00 37.64 ? 37  PRO A CD  1 
ATOM   219 N N   . GLY A 1 38  ? 0.518   -8.915  -15.708 1.00 40.47 ? 38  GLY A N   1 
ATOM   220 C CA  . GLY A 1 38  ? 1.837   -8.898  -15.110 1.00 35.49 ? 38  GLY A CA  1 
ATOM   221 C C   . GLY A 1 38  ? 2.040   -7.642  -14.302 1.00 33.71 ? 38  GLY A C   1 
ATOM   222 O O   . GLY A 1 38  ? 1.316   -6.659  -14.497 1.00 32.84 ? 38  GLY A O   1 
ATOM   223 N N   . PRO A 1 39  ? 3.011   -7.649  -13.377 1.00 33.26 ? 39  PRO A N   1 
ATOM   224 C CA  . PRO A 1 39  ? 3.351   -6.520  -12.505 1.00 30.90 ? 39  PRO A CA  1 
ATOM   225 C C   . PRO A 1 39  ? 3.995   -5.368  -13.253 1.00 28.31 ? 39  PRO A C   1 
ATOM   226 O O   . PRO A 1 39  ? 5.010   -5.552  -13.929 1.00 27.66 ? 39  PRO A O   1 
ATOM   227 C CB  . PRO A 1 39  ? 4.335   -7.139  -11.515 1.00 32.68 ? 39  PRO A CB  1 
ATOM   228 C CG  . PRO A 1 39  ? 5.008   -8.191  -12.327 1.00 30.53 ? 39  PRO A CG  1 
ATOM   229 C CD  . PRO A 1 39  ? 3.836   -8.822  -13.043 1.00 32.11 ? 39  PRO A CD  1 
ATOM   230 N N   . SER A 1 40  ? 3.371   -4.199  -13.167 1.00 25.63 ? 40  SER A N   1 
ATOM   231 C CA  . SER A 1 40  ? 3.894   -2.996  -13.788 1.00 22.72 ? 40  SER A CA  1 
ATOM   232 C C   . SER A 1 40  ? 3.294   -1.794  -13.072 1.00 23.30 ? 40  SER A C   1 
ATOM   233 O O   . SER A 1 40  ? 2.523   -1.968  -12.123 1.00 25.75 ? 40  SER A O   1 
ATOM   234 C CB  . SER A 1 40  ? 3.619   -2.973  -15.294 1.00 21.43 ? 40  SER A CB  1 
ATOM   235 O OG  . SER A 1 40  ? 2.293   -2.590  -15.613 1.00 24.33 ? 40  SER A OG  1 
ATOM   236 N N   . GLY A 1 41  ? 3.683   -0.589  -13.488 1.00 27.29 ? 41  GLY A N   1 
ATOM   237 C CA  . GLY A 1 41  ? 3.194   0.650   -12.881 1.00 25.46 ? 41  GLY A CA  1 
ATOM   238 C C   . GLY A 1 41  ? 4.304   1.566   -12.355 1.00 24.06 ? 41  GLY A C   1 
ATOM   239 O O   . GLY A 1 41  ? 5.488   1.212   -12.416 1.00 19.62 ? 41  GLY A O   1 
ATOM   240 N N   . THR A 1 42  ? 3.934   2.733   -11.828 1.00 23.01 ? 42  THR A N   1 
ATOM   241 C CA  . THR A 1 42  ? 4.928   3.673   -11.304 1.00 24.63 ? 42  THR A CA  1 
ATOM   242 C C   . THR A 1 42  ? 5.541   3.223   -9.986  1.00 25.96 ? 42  THR A C   1 
ATOM   243 O O   . THR A 1 42  ? 6.573   3.731   -9.564  1.00 32.50 ? 42  THR A O   1 
ATOM   244 C CB  . THR A 1 42  ? 4.390   5.124   -11.154 1.00 20.39 ? 42  THR A CB  1 
ATOM   245 O OG1 . THR A 1 42  ? 3.174   5.160   -10.380 1.00 23.86 ? 42  THR A OG1 1 
ATOM   246 C CG2 . THR A 1 42  ? 4.147   5.711   -12.505 1.00 15.10 ? 42  THR A CG2 1 
ATOM   247 N N   . HIS A 1 43  ? 4.915   2.248   -9.348  1.00 25.53 ? 43  HIS A N   1 
ATOM   248 C CA  . HIS A 1 43  ? 5.414   1.724   -8.092  1.00 23.65 ? 43  HIS A CA  1 
ATOM   249 C C   . HIS A 1 43  ? 6.878   1.286   -8.266  1.00 27.27 ? 43  HIS A C   1 
ATOM   250 O O   . HIS A 1 43  ? 7.210   0.562   -9.209  1.00 26.36 ? 43  HIS A O   1 
ATOM   251 C CB  . HIS A 1 43  ? 4.529   0.547   -7.677  1.00 22.56 ? 43  HIS A CB  1 
ATOM   252 C CG  . HIS A 1 43  ? 4.755   0.073   -6.277  1.00 20.06 ? 43  HIS A CG  1 
ATOM   253 N ND1 . HIS A 1 43  ? 5.879   -0.634  -5.902  1.00 16.74 ? 43  HIS A ND1 1 
ATOM   254 C CD2 . HIS A 1 43  ? 3.993   0.191   -5.164  1.00 17.19 ? 43  HIS A CD2 1 
ATOM   255 C CE1 . HIS A 1 43  ? 5.800   -0.929  -4.617  1.00 22.23 ? 43  HIS A CE1 1 
ATOM   256 N NE2 . HIS A 1 43  ? 4.664   -0.442  -4.145  1.00 19.37 ? 43  HIS A NE2 1 
ATOM   257 N N   . PRO A 1 44  ? 7.757   1.678   -7.323  1.00 29.94 ? 44  PRO A N   1 
ATOM   258 C CA  . PRO A 1 44  ? 9.197   1.370   -7.302  1.00 29.75 ? 44  PRO A CA  1 
ATOM   259 C C   . PRO A 1 44  ? 9.488   -0.126  -7.357  1.00 29.76 ? 44  PRO A C   1 
ATOM   260 O O   . PRO A 1 44  ? 10.532  -0.548  -7.860  1.00 27.64 ? 44  PRO A O   1 
ATOM   261 C CB  . PRO A 1 44  ? 9.650   1.937   -5.962  1.00 30.69 ? 44  PRO A CB  1 
ATOM   262 C CG  . PRO A 1 44  ? 8.681   3.036   -5.709  1.00 37.10 ? 44  PRO A CG  1 
ATOM   263 C CD  . PRO A 1 44  ? 7.379   2.419   -6.111  1.00 33.48 ? 44  PRO A CD  1 
ATOM   264 N N   . ALA A 1 45  ? 8.611   -0.916  -6.745  1.00 28.62 ? 45  ALA A N   1 
ATOM   265 C CA  . ALA A 1 45  ? 8.773   -2.366  -6.749  1.00 28.79 ? 45  ALA A CA  1 
ATOM   266 C C   . ALA A 1 45  ? 7.464   -3.079  -7.134  1.00 28.24 ? 45  ALA A C   1 
ATOM   267 O O   . ALA A 1 45  ? 6.826   -3.764  -6.310  1.00 24.88 ? 45  ALA A O   1 
ATOM   268 C CB  . ALA A 1 45  ? 9.271   -2.832  -5.394  1.00 32.67 ? 45  ALA A CB  1 
ATOM   269 N N   . ALA A 1 46  ? 7.050   -2.867  -8.383  1.00 24.84 ? 46  ALA A N   1 
ATOM   270 C CA  . ALA A 1 46  ? 5.826   -3.463  -8.921  1.00 22.97 ? 46  ALA A CA  1 
ATOM   271 C C   . ALA A 1 46  ? 5.778   -4.973  -8.688  1.00 21.74 ? 46  ALA A C   1 
ATOM   272 O O   . ALA A 1 46  ? 4.818   -5.493  -8.141  1.00 24.87 ? 46  ALA A O   1 
ATOM   273 C CB  . ALA A 1 46  ? 5.711   -3.143  -10.389 1.00 19.48 ? 46  ALA A CB  1 
ATOM   274 N N   . GLY A 1 47  ? 6.851   -5.662  -9.038  1.00 24.91 ? 47  GLY A N   1 
ATOM   275 C CA  . GLY A 1 47  ? 6.907   -7.099  -8.846  1.00 29.38 ? 47  GLY A CA  1 
ATOM   276 C C   . GLY A 1 47  ? 6.669   -7.570  -7.421  1.00 30.59 ? 47  GLY A C   1 
ATOM   277 O O   . GLY A 1 47  ? 5.697   -8.274  -7.158  1.00 31.89 ? 47  GLY A O   1 
ATOM   278 N N   . SER A 1 48  ? 7.549   -7.197  -6.498  1.00 33.21 ? 48  SER A N   1 
ATOM   279 C CA  . SER A 1 48  ? 7.403   -7.619  -5.103  1.00 34.06 ? 48  SER A CA  1 
ATOM   280 C C   . SER A 1 48  ? 6.087   -7.146  -4.490  1.00 30.83 ? 48  SER A C   1 
ATOM   281 O O   . SER A 1 48  ? 5.438   -7.898  -3.753  1.00 27.90 ? 48  SER A O   1 
ATOM   282 C CB  . SER A 1 48  ? 8.577   -7.122  -4.277  1.00 33.73 ? 48  SER A CB  1 
ATOM   283 O OG  . SER A 1 48  ? 9.705   -7.029  -5.116  1.00 43.82 ? 48  SER A OG  1 
ATOM   284 N N   . ALA A 1 49  ? 5.702   -5.900  -4.769  1.00 28.17 ? 49  ALA A N   1 
ATOM   285 C CA  . ALA A 1 49  ? 4.438   -5.387  -4.260  1.00 26.82 ? 49  ALA A CA  1 
ATOM   286 C C   . ALA A 1 49  ? 3.348   -6.387  -4.725  1.00 28.74 ? 49  ALA A C   1 
ATOM   287 O O   . ALA A 1 49  ? 2.666   -6.982  -3.882  1.00 34.34 ? 49  ALA A O   1 
ATOM   288 C CB  . ALA A 1 49  ? 4.165   -3.972  -4.795  1.00 24.40 ? 49  ALA A CB  1 
ATOM   289 N N   . CYS A 1 50  ? 3.269   -6.659  -6.034  1.00 21.90 ? 50  CYS A N   1 
ATOM   290 C CA  . CYS A 1 50  ? 2.292   -7.605  -6.566  1.00 21.11 ? 50  CYS A CA  1 
ATOM   291 C C   . CYS A 1 50  ? 2.330   -8.912  -5.803  1.00 23.36 ? 50  CYS A C   1 
ATOM   292 O O   . CYS A 1 50  ? 1.284   -9.441  -5.426  1.00 26.19 ? 50  CYS A O   1 
ATOM   293 C CB  . CYS A 1 50  ? 2.545   -7.888  -8.034  1.00 16.95 ? 50  CYS A CB  1 
ATOM   294 S SG  . CYS A 1 50  ? 1.955   -6.576  -9.130  1.00 18.94 ? 50  CYS A SG  1 
ATOM   295 N N   . ALA A 1 51  ? 3.531   -9.402  -5.516  1.00 24.63 ? 51  ALA A N   1 
ATOM   296 C CA  . ALA A 1 51  ? 3.677   -10.664 -4.794  1.00 27.90 ? 51  ALA A CA  1 
ATOM   297 C C   . ALA A 1 51  ? 3.192   -10.559 -3.356  1.00 29.81 ? 51  ALA A C   1 
ATOM   298 O O   . ALA A 1 51  ? 2.658   -11.520 -2.797  1.00 33.89 ? 51  ALA A O   1 
ATOM   299 C CB  . ALA A 1 51  ? 5.116   -11.140 -4.832  1.00 24.85 ? 51  ALA A CB  1 
ATOM   300 N N   . ASP A 1 52  ? 3.363   -9.384  -2.769  1.00 28.07 ? 52  ASP A N   1 
ATOM   301 C CA  . ASP A 1 52  ? 2.944   -9.153  -1.401  1.00 28.44 ? 52  ASP A CA  1 
ATOM   302 C C   . ASP A 1 52  ? 1.432   -9.239  -1.318  1.00 28.34 ? 52  ASP A C   1 
ATOM   303 O O   . ASP A 1 52  ? 0.863   -9.844  -0.404  1.00 28.45 ? 52  ASP A O   1 
ATOM   304 C CB  . ASP A 1 52  ? 3.398   -7.761  -0.945  1.00 35.59 ? 52  ASP A CB  1 
ATOM   305 C CG  . ASP A 1 52  ? 4.850   -7.723  -0.490  1.00 34.58 ? 52  ASP A CG  1 
ATOM   306 O OD1 . ASP A 1 52  ? 5.571   -8.723  -0.704  1.00 31.80 ? 52  ASP A OD1 1 
ATOM   307 O OD2 . ASP A 1 52  ? 5.256   -6.688  0.094   1.00 31.17 ? 52  ASP A OD2 1 
ATOM   308 N N   . LEU A 1 53  ? 0.772   -8.607  -2.273  1.00 26.95 ? 53  LEU A N   1 
ATOM   309 C CA  . LEU A 1 53  ? -0.674  -8.610  -2.289  1.00 26.90 ? 53  LEU A CA  1 
ATOM   310 C C   . LEU A 1 53  ? -1.236  -10.005 -2.558  1.00 24.08 ? 53  LEU A C   1 
ATOM   311 O O   . LEU A 1 53  ? -2.109  -10.477 -1.829  1.00 24.04 ? 53  LEU A O   1 
ATOM   312 C CB  . LEU A 1 53  ? -1.180  -7.612  -3.328  1.00 26.75 ? 53  LEU A CB  1 
ATOM   313 C CG  . LEU A 1 53  ? -0.902  -6.159  -2.957  1.00 24.04 ? 53  LEU A CG  1 
ATOM   314 C CD1 . LEU A 1 53  ? -1.160  -5.280  -4.168  1.00 26.01 ? 53  LEU A CD1 1 
ATOM   315 C CD2 . LEU A 1 53  ? -1.766  -5.752  -1.754  1.00 20.95 ? 53  LEU A CD2 1 
ATOM   316 N N   . ALA A 1 54  ? -0.705  -10.669 -3.576  1.00 22.51 ? 54  ALA A N   1 
ATOM   317 C CA  . ALA A 1 54  ? -1.156  -11.998 -3.958  1.00 24.21 ? 54  ALA A CA  1 
ATOM   318 C C   . ALA A 1 54  ? -1.104  -12.926 -2.773  1.00 27.16 ? 54  ALA A C   1 
ATOM   319 O O   . ALA A 1 54  ? -2.097  -13.541 -2.420  1.00 29.35 ? 54  ALA A O   1 
ATOM   320 C CB  . ALA A 1 54  ? -0.302  -12.537 -5.070  1.00 26.68 ? 54  ALA A CB  1 
ATOM   321 N N   . ALA A 1 55  ? 0.041   -12.971 -2.113  1.00 30.18 ? 55  ALA A N   1 
ATOM   322 C CA  . ALA A 1 55  ? 0.196   -13.828 -0.964  1.00 28.62 ? 55  ALA A CA  1 
ATOM   323 C C   . ALA A 1 55  ? -0.890  -13.614 0.075   1.00 28.34 ? 55  ALA A C   1 
ATOM   324 O O   . ALA A 1 55  ? -1.401  -14.557 0.646   1.00 36.78 ? 55  ALA A O   1 
ATOM   325 C CB  . ALA A 1 55  ? 1.547   -13.614 -0.349  1.00 29.25 ? 55  ALA A CB  1 
ATOM   326 N N   . VAL A 1 56  ? -1.273  -12.376 0.306   1.00 31.52 ? 56  VAL A N   1 
ATOM   327 C CA  . VAL A 1 56  ? -2.266  -12.091 1.329   1.00 32.47 ? 56  VAL A CA  1 
ATOM   328 C C   . VAL A 1 56  ? -3.684  -12.141 0.781   1.00 34.44 ? 56  VAL A C   1 
ATOM   329 O O   . VAL A 1 56  ? -4.657  -11.826 1.477   1.00 36.90 ? 56  VAL A O   1 
ATOM   330 C CB  . VAL A 1 56  ? -1.952  -10.726 2.008   1.00 32.86 ? 56  VAL A CB  1 
ATOM   331 C CG1 . VAL A 1 56  ? -2.811  -9.598  1.447   1.00 26.32 ? 56  VAL A CG1 1 
ATOM   332 C CG2 . VAL A 1 56  ? -2.067  -10.853 3.511   1.00 36.55 ? 56  VAL A CG2 1 
ATOM   333 N N   . GLY A 1 57  ? -3.788  -12.501 -0.492  1.00 34.66 ? 57  GLY A N   1 
ATOM   334 C CA  . GLY A 1 57  ? -5.084  -12.611 -1.133  1.00 31.48 ? 57  GLY A CA  1 
ATOM   335 C C   . GLY A 1 57  ? -5.737  -11.284 -1.409  1.00 33.25 ? 57  GLY A C   1 
ATOM   336 O O   . GLY A 1 57  ? -6.962  -11.207 -1.450  1.00 33.15 ? 57  GLY A O   1 
ATOM   337 N N   . GLY A 1 58  ? -4.918  -10.254 -1.627  1.00 33.58 ? 58  GLY A N   1 
ATOM   338 C CA  . GLY A 1 58  ? -5.418  -8.921  -1.910  1.00 30.47 ? 58  GLY A CA  1 
ATOM   339 C C   . GLY A 1 58  ? -5.938  -8.234  -0.663  1.00 33.90 ? 58  GLY A C   1 
ATOM   340 O O   . GLY A 1 58  ? -6.341  -7.066  -0.709  1.00 39.21 ? 58  GLY A O   1 
ATOM   341 N N   . ASP A 1 59  ? -5.923  -8.946  0.462   1.00 34.30 ? 59  ASP A N   1 
ATOM   342 C CA  . ASP A 1 59  ? -6.397  -8.389  1.712   1.00 32.86 ? 59  ASP A CA  1 
ATOM   343 C C   . ASP A 1 59  ? -5.335  -7.520  2.352   1.00 33.63 ? 59  ASP A C   1 
ATOM   344 O O   . ASP A 1 59  ? -4.491  -8.009  3.111   1.00 29.91 ? 59  ASP A O   1 
ATOM   345 C CB  . ASP A 1 59  ? -6.790  -9.498  2.677   1.00 36.60 ? 59  ASP A CB  1 
ATOM   346 C CG  . ASP A 1 59  ? -7.578  -8.986  3.875   1.00 39.56 ? 59  ASP A CG  1 
ATOM   347 O OD1 . ASP A 1 59  ? -7.813  -7.765  3.976   1.00 47.29 ? 59  ASP A OD1 1 
ATOM   348 O OD2 . ASP A 1 59  ? -7.985  -9.812  4.717   1.00 46.20 ? 59  ASP A OD2 1 
ATOM   349 N N   . LEU A 1 60  ? -5.401  -6.224  2.051   1.00 34.78 ? 60  LEU A N   1 
ATOM   350 C CA  . LEU A 1 60  ? -4.473  -5.231  2.598   1.00 33.74 ? 60  LEU A CA  1 
ATOM   351 C C   . LEU A 1 60  ? -4.346  -5.360  4.111   1.00 32.76 ? 60  LEU A C   1 
ATOM   352 O O   . LEU A 1 60  ? -3.237  -5.475  4.651   1.00 34.36 ? 60  LEU A O   1 
ATOM   353 C CB  . LEU A 1 60  ? -4.944  -3.814  2.264   1.00 26.46 ? 60  LEU A CB  1 
ATOM   354 C CG  . LEU A 1 60  ? -4.426  -3.122  1.000   1.00 26.66 ? 60  LEU A CG  1 
ATOM   355 C CD1 . LEU A 1 60  ? -2.976  -3.521  0.758   1.00 27.94 ? 60  LEU A CD1 1 
ATOM   356 C CD2 . LEU A 1 60  ? -5.269  -3.442  -0.187  1.00 22.45 ? 60  LEU A CD2 1 
ATOM   357 N N   . ASN A 1 61  ? -5.490  -5.415  4.782   1.00 32.13 ? 61  ASN A N   1 
ATOM   358 C CA  . ASN A 1 61  ? -5.526  -5.521  6.232   1.00 34.19 ? 61  ASN A CA  1 
ATOM   359 C C   . ASN A 1 61  ? -4.776  -6.690  6.851   1.00 33.97 ? 61  ASN A C   1 
ATOM   360 O O   . ASN A 1 61  ? -4.514  -6.668  8.044   1.00 39.55 ? 61  ASN A O   1 
ATOM   361 C CB  . ASN A 1 61  ? -6.966  -5.523  6.728   1.00 38.43 ? 61  ASN A CB  1 
ATOM   362 C CG  . ASN A 1 61  ? -7.352  -4.224  7.407   1.00 44.51 ? 61  ASN A CG  1 
ATOM   363 O OD1 . ASN A 1 61  ? -8.520  -4.001  7.708   1.00 48.91 ? 61  ASN A OD1 1 
ATOM   364 N ND2 . ASN A 1 61  ? -6.375  -3.363  7.662   1.00 48.44 ? 61  ASN A ND2 1 
ATOM   365 N N   . ALA A 1 62  ? -4.431  -7.699  6.058   1.00 32.79 ? 62  ALA A N   1 
ATOM   366 C CA  . ALA A 1 62  ? -3.721  -8.861  6.573   1.00 29.71 ? 62  ALA A CA  1 
ATOM   367 C C   . ALA A 1 62  ? -2.223  -8.845  6.324   1.00 32.40 ? 62  ALA A C   1 
ATOM   368 O O   . ALA A 1 62  ? -1.541  -9.844  6.556   1.00 31.71 ? 62  ALA A O   1 
ATOM   369 C CB  . ALA A 1 62  ? -4.324  -10.120 6.016   1.00 35.77 ? 62  ALA A CB  1 
ATOM   370 N N   . LEU A 1 63  ? -1.718  -7.746  5.778   1.00 37.53 ? 63  LEU A N   1 
ATOM   371 C CA  . LEU A 1 63  ? -0.280  -7.598  5.542   1.00 40.72 ? 63  LEU A CA  1 
ATOM   372 C C   . LEU A 1 63  ? 0.382   -7.469  6.920   1.00 43.26 ? 63  LEU A C   1 
ATOM   373 O O   . LEU A 1 63  ? -0.005  -6.607  7.714   1.00 44.62 ? 63  LEU A O   1 
ATOM   374 C CB  . LEU A 1 63  ? -0.013  -6.352  4.686   1.00 35.69 ? 63  LEU A CB  1 
ATOM   375 C CG  . LEU A 1 63  ? -0.182  -6.657  3.199   1.00 35.43 ? 63  LEU A CG  1 
ATOM   376 C CD1 . LEU A 1 63  ? -0.413  -5.426  2.373   1.00 37.26 ? 63  LEU A CD1 1 
ATOM   377 C CD2 . LEU A 1 63  ? 1.034   -7.397  2.720   1.00 34.68 ? 63  LEU A CD2 1 
ATOM   378 N N   . THR A 1 64  ? 1.343   -8.340  7.224   1.00 45.71 ? 64  THR A N   1 
ATOM   379 C CA  . THR A 1 64  ? 2.001   -8.294  8.528   1.00 48.92 ? 64  THR A CA  1 
ATOM   380 C C   . THR A 1 64  ? 3.163   -7.331  8.702   1.00 51.21 ? 64  THR A C   1 
ATOM   381 O O   . THR A 1 64  ? 3.840   -6.943  7.740   1.00 49.14 ? 64  THR A O   1 
ATOM   382 C CB  . THR A 1 64  ? 2.472   -9.690  9.022   1.00 50.41 ? 64  THR A CB  1 
ATOM   383 O OG1 . THR A 1 64  ? 3.084   -10.428 7.948   1.00 48.19 ? 64  THR A OG1 1 
ATOM   384 C CG2 . THR A 1 64  ? 1.304   -10.454 9.643   1.00 52.68 ? 64  THR A CG2 1 
ATOM   385 N N   . ARG A 1 65  ? 3.387   -6.989  9.970   1.00 54.33 ? 65  ARG A N   1 
ATOM   386 C CA  . ARG A 1 65  ? 4.451   -6.099  10.407  1.00 53.92 ? 65  ARG A CA  1 
ATOM   387 C C   . ARG A 1 65  ? 5.679   -6.952  10.738  1.00 54.72 ? 65  ARG A C   1 
ATOM   388 O O   . ARG A 1 65  ? 5.617   -7.837  11.597  1.00 53.95 ? 65  ARG A O   1 
ATOM   389 C CB  . ARG A 1 65  ? 3.965   -5.323  11.628  1.00 50.99 ? 65  ARG A CB  1 
ATOM   390 C CG  . ARG A 1 65  ? 5.028   -4.597  12.419  1.00 58.96 ? 65  ARG A CG  1 
ATOM   391 C CD  . ARG A 1 65  ? 5.791   -3.576  11.608  1.00 60.40 ? 65  ARG A CD  1 
ATOM   392 N NE  . ARG A 1 65  ? 6.515   -2.620  12.453  1.00 65.22 ? 65  ARG A NE  1 
ATOM   393 C CZ  . ARG A 1 65  ? 7.453   -2.926  13.352  1.00 67.78 ? 65  ARG A CZ  1 
ATOM   394 N NH1 . ARG A 1 65  ? 7.827   -4.189  13.563  1.00 64.35 ? 65  ARG A NH1 1 
ATOM   395 N NH2 . ARG A 1 65  ? 8.035   -1.951  14.043  1.00 65.44 ? 65  ARG A NH2 1 
ATOM   396 N N   . GLY A 1 66  ? 6.771   -6.709  10.013  1.00 56.01 ? 66  GLY A N   1 
ATOM   397 C CA  . GLY A 1 66  ? 8.007   -7.452  10.211  1.00 59.91 ? 66  GLY A CA  1 
ATOM   398 C C   . GLY A 1 66  ? 8.532   -7.401  11.635  1.00 63.11 ? 66  GLY A C   1 
ATOM   399 O O   . GLY A 1 66  ? 9.094   -6.390  12.060  1.00 61.88 ? 66  GLY A O   1 
ATOM   400 N N   . GLU A 1 67  ? 8.366   -8.511  12.357  1.00 65.18 ? 67  GLU A N   1 
ATOM   401 C CA  . GLU A 1 67  ? 8.795   -8.636  13.754  1.00 64.02 ? 67  GLU A CA  1 
ATOM   402 C C   . GLU A 1 67  ? 10.172  -8.070  14.071  1.00 60.92 ? 67  GLU A C   1 
ATOM   403 O O   . GLU A 1 67  ? 10.359  -7.448  15.114  1.00 57.70 ? 67  GLU A O   1 
ATOM   404 C CB  . GLU A 1 67  ? 8.712   -10.097 14.217  1.00 66.33 ? 67  GLU A CB  1 
ATOM   405 C CG  . GLU A 1 67  ? 7.452   -10.441 15.026  1.00 72.27 ? 67  GLU A CG  1 
ATOM   406 C CD  . GLU A 1 67  ? 7.433   -9.801  16.427  1.00 75.76 ? 67  GLU A CD  1 
ATOM   407 O OE1 . GLU A 1 67  ? 8.057   -10.373 17.354  1.00 76.63 ? 67  GLU A OE1 1 
ATOM   408 O OE2 . GLU A 1 67  ? 6.783   -8.741  16.605  1.00 73.61 ? 67  GLU A OE2 1 
ATOM   409 N N   . ASP A 1 68  ? 11.130  -8.297  13.179  1.00 61.51 ? 68  ASP A N   1 
ATOM   410 C CA  . ASP A 1 68  ? 12.481  -7.796  13.395  1.00 65.37 ? 68  ASP A CA  1 
ATOM   411 C C   . ASP A 1 68  ? 12.650  -6.309  13.050  1.00 64.57 ? 68  ASP A C   1 
ATOM   412 O O   . ASP A 1 68  ? 13.499  -5.641  13.640  1.00 66.85 ? 68  ASP A O   1 
ATOM   413 C CB  . ASP A 1 68  ? 13.526  -8.666  12.659  1.00 69.18 ? 68  ASP A CB  1 
ATOM   414 C CG  . ASP A 1 68  ? 14.015  -8.043  11.343  1.00 75.10 ? 68  ASP A CG  1 
ATOM   415 O OD1 . ASP A 1 68  ? 14.923  -7.173  11.380  1.00 75.18 ? 68  ASP A OD1 1 
ATOM   416 O OD2 . ASP A 1 68  ? 13.504  -8.444  10.272  1.00 76.85 ? 68  ASP A OD2 1 
ATOM   417 N N   . VAL A 1 69  ? 11.856  -5.799  12.105  1.00 60.96 ? 69  VAL A N   1 
ATOM   418 C CA  . VAL A 1 69  ? 11.939  -4.392  11.700  1.00 56.51 ? 69  VAL A CA  1 
ATOM   419 C C   . VAL A 1 69  ? 11.741  -3.491  12.923  1.00 55.71 ? 69  VAL A C   1 
ATOM   420 O O   . VAL A 1 69  ? 10.757  -3.615  13.663  1.00 54.42 ? 69  VAL A O   1 
ATOM   421 C CB  . VAL A 1 69  ? 10.918  -4.052  10.578  1.00 56.67 ? 69  VAL A CB  1 
ATOM   422 C CG1 . VAL A 1 69  ? 9.648   -3.457  11.141  1.00 52.63 ? 69  VAL A CG1 1 
ATOM   423 C CG2 . VAL A 1 69  ? 11.539  -3.109  9.561   1.00 58.98 ? 69  VAL A CG2 1 
ATOM   424 N N   . MET A 1 70  ? 12.711  -2.612  13.154  1.00 54.98 ? 70  MET A N   1 
ATOM   425 C CA  . MET A 1 70  ? 12.685  -1.715  14.309  1.00 50.56 ? 70  MET A CA  1 
ATOM   426 C C   . MET A 1 70  ? 12.579  -0.282  13.830  1.00 45.72 ? 70  MET A C   1 
ATOM   427 O O   . MET A 1 70  ? 13.323  0.144   12.938  1.00 45.98 ? 70  MET A O   1 
ATOM   428 C CB  . MET A 1 70  ? 13.947  -1.906  15.136  1.00 52.98 ? 70  MET A CB  1 
ATOM   429 C CG  . MET A 1 70  ? 14.728  -3.201  14.827  1.00 58.51 ? 70  MET A CG  1 
ATOM   430 S SD  . MET A 1 70  ? 15.517  -3.259  13.152  1.00 62.07 ? 70  MET A SD  1 
ATOM   431 C CE  . MET A 1 70  ? 16.285  -4.943  13.160  1.00 55.47 ? 70  MET A CE  1 
ATOM   432 N N   . CYS A 1 71  ? 11.625  0.445   14.406  1.00 41.85 ? 71  CYS A N   1 
ATOM   433 C CA  . CYS A 1 71  ? 11.356  1.833   14.037  1.00 35.07 ? 71  CYS A CA  1 
ATOM   434 C C   . CYS A 1 71  ? 11.472  2.716   15.247  1.00 32.24 ? 71  CYS A C   1 
ATOM   435 O O   . CYS A 1 71  ? 11.132  2.298   16.349  1.00 34.25 ? 71  CYS A O   1 
ATOM   436 C CB  . CYS A 1 71  ? 9.922   1.977   13.520  1.00 32.60 ? 71  CYS A CB  1 
ATOM   437 S SG  . CYS A 1 71  ? 9.612   1.447   11.814  1.00 26.43 ? 71  CYS A SG  1 
ATOM   438 N N   . PRO A 1 72  ? 11.976  3.944   15.070  1.00 33.44 ? 72  PRO A N   1 
ATOM   439 C CA  . PRO A 1 72  ? 12.138  4.927   16.163  1.00 32.37 ? 72  PRO A CA  1 
ATOM   440 C C   . PRO A 1 72  ? 10.743  5.315   16.655  1.00 31.86 ? 72  PRO A C   1 
ATOM   441 O O   . PRO A 1 72  ? 9.786   5.313   15.872  1.00 33.99 ? 72  PRO A O   1 
ATOM   442 C CB  . PRO A 1 72  ? 12.813  6.106   15.469  1.00 35.78 ? 72  PRO A CB  1 
ATOM   443 C CG  . PRO A 1 72  ? 13.602  5.440   14.354  1.00 37.03 ? 72  PRO A CG  1 
ATOM   444 C CD  . PRO A 1 72  ? 12.631  4.402   13.832  1.00 31.43 ? 72  PRO A CD  1 
ATOM   445 N N   . MET A 1 73  ? 10.610  5.631   17.937  1.00 28.83 ? 73  MET A N   1 
ATOM   446 C CA  . MET A 1 73  ? 9.307   5.981   18.488  1.00 25.71 ? 73  MET A CA  1 
ATOM   447 C C   . MET A 1 73  ? 8.858   7.417   18.239  1.00 23.84 ? 73  MET A C   1 
ATOM   448 O O   . MET A 1 73  ? 8.685   8.193   19.169  1.00 24.48 ? 73  MET A O   1 
ATOM   449 C CB  . MET A 1 73  ? 9.238   5.665   19.987  1.00 30.91 ? 73  MET A CB  1 
ATOM   450 C CG  . MET A 1 73  ? 9.356   4.185   20.361  1.00 37.88 ? 73  MET A CG  1 
ATOM   451 S SD  . MET A 1 73  ? 7.992   3.167   19.747  1.00 44.72 ? 73  MET A SD  1 
ATOM   452 C CE  . MET A 1 73  ? 8.628   1.540   20.057  1.00 46.11 ? 73  MET A CE  1 
ATOM   453 N N   . VAL A 1 74  ? 8.663   7.771   16.978  1.00 22.41 ? 74  VAL A N   1 
ATOM   454 C CA  . VAL A 1 74  ? 8.190   9.105   16.630  1.00 21.99 ? 74  VAL A CA  1 
ATOM   455 C C   . VAL A 1 74  ? 6.676   9.032   16.467  1.00 20.70 ? 74  VAL A C   1 
ATOM   456 O O   . VAL A 1 74  ? 6.131   7.954   16.315  1.00 26.70 ? 74  VAL A O   1 
ATOM   457 C CB  . VAL A 1 74  ? 8.774   9.543   15.278  1.00 21.05 ? 74  VAL A CB  1 
ATOM   458 C CG1 . VAL A 1 74  ? 8.138   10.843  14.802  1.00 21.70 ? 74  VAL A CG1 1 
ATOM   459 C CG2 . VAL A 1 74  ? 10.282  9.695   15.382  1.00 26.78 ? 74  VAL A CG2 1 
ATOM   460 N N   . TYR A 1 75  ? 5.982   10.148  16.614  1.00 20.79 ? 75  TYR A N   1 
ATOM   461 C CA  . TYR A 1 75  ? 4.555   10.159  16.352  1.00 21.34 ? 75  TYR A CA  1 
ATOM   462 C C   . TYR A 1 75  ? 4.340   11.246  15.302  1.00 21.69 ? 75  TYR A C   1 
ATOM   463 O O   . TYR A 1 75  ? 4.030   12.382  15.617  1.00 22.27 ? 75  TYR A O   1 
ATOM   464 C CB  . TYR A 1 75  ? 3.705   10.413  17.588  1.00 19.99 ? 75  TYR A CB  1 
ATOM   465 C CG  . TYR A 1 75  ? 2.231   10.515  17.232  1.00 25.95 ? 75  TYR A CG  1 
ATOM   466 C CD1 . TYR A 1 75  ? 1.469   9.378   16.958  1.00 26.06 ? 75  TYR A CD1 1 
ATOM   467 C CD2 . TYR A 1 75  ? 1.622   11.755  17.076  1.00 27.37 ? 75  TYR A CD2 1 
ATOM   468 C CE1 . TYR A 1 75  ? 0.145   9.482   16.521  1.00 22.50 ? 75  TYR A CE1 1 
ATOM   469 C CE2 . TYR A 1 75  ? 0.308   11.869  16.650  1.00 27.16 ? 75  TYR A CE2 1 
ATOM   470 C CZ  . TYR A 1 75  ? -0.424  10.735  16.369  1.00 29.25 ? 75  TYR A CZ  1 
ATOM   471 O OH  . TYR A 1 75  ? -1.713  10.889  15.896  1.00 30.44 ? 75  TYR A OH  1 
ATOM   472 N N   . ASP A 1 76  ? 4.510   10.864  14.046  1.00 19.58 ? 76  ASP A N   1 
ATOM   473 C CA  . ASP A 1 76  ? 4.381   11.753  12.908  1.00 18.76 ? 76  ASP A CA  1 
ATOM   474 C C   . ASP A 1 76  ? 3.492   10.927  11.938  1.00 25.73 ? 76  ASP A C   1 
ATOM   475 O O   . ASP A 1 76  ? 3.996   10.318  10.986  1.00 27.03 ? 76  ASP A O   1 
ATOM   476 C CB  . ASP A 1 76  ? 5.803   11.925  12.367  1.00 14.57 ? 76  ASP A CB  1 
ATOM   477 C CG  . ASP A 1 76  ? 5.919   12.982  11.298  1.00 17.42 ? 76  ASP A CG  1 
ATOM   478 O OD1 . ASP A 1 76  ? 4.985   13.797  11.140  1.00 16.61 ? 76  ASP A OD1 1 
ATOM   479 O OD2 . ASP A 1 76  ? 6.971   12.993  10.613  1.00 19.95 ? 76  ASP A OD2 1 
ATOM   480 N N   . PRO A 1 77  ? 2.155   10.926  12.151  1.00 28.56 ? 77  PRO A N   1 
ATOM   481 C CA  . PRO A 1 77  ? 1.201   10.170  11.332  1.00 28.21 ? 77  PRO A CA  1 
ATOM   482 C C   . PRO A 1 77  ? 1.276   10.378  9.836   1.00 28.25 ? 77  PRO A C   1 
ATOM   483 O O   . PRO A 1 77  ? 1.586   11.466  9.352   1.00 31.87 ? 77  PRO A O   1 
ATOM   484 C CB  . PRO A 1 77  ? -0.149  10.606  11.880  1.00 28.59 ? 77  PRO A CB  1 
ATOM   485 C CG  . PRO A 1 77  ? 0.153   11.040  13.245  1.00 29.98 ? 77  PRO A CG  1 
ATOM   486 C CD  . PRO A 1 77  ? 1.409   11.824  13.041  1.00 28.09 ? 77  PRO A CD  1 
ATOM   487 N N   . VAL A 1 78  ? 0.919   9.316   9.125   1.00 30.50 ? 78  VAL A N   1 
ATOM   488 C CA  . VAL A 1 78  ? 0.925   9.268   7.674   1.00 28.31 ? 78  VAL A CA  1 
ATOM   489 C C   . VAL A 1 78  ? -0.303  8.443   7.227   1.00 28.49 ? 78  VAL A C   1 
ATOM   490 O O   . VAL A 1 78  ? -0.549  7.344   7.734   1.00 24.77 ? 78  VAL A O   1 
ATOM   491 C CB  . VAL A 1 78  ? 2.255   8.618   7.187   1.00 27.45 ? 78  VAL A CB  1 
ATOM   492 C CG1 . VAL A 1 78  ? 2.164   7.105   7.163   1.00 15.85 ? 78  VAL A CG1 1 
ATOM   493 C CG2 . VAL A 1 78  ? 2.682   9.191   5.860   1.00 27.74 ? 78  VAL A CG2 1 
ATOM   494 N N   . LEU A 1 79  ? -1.132  9.033   6.372   1.00 26.93 ? 79  LEU A N   1 
ATOM   495 C CA  . LEU A 1 79  ? -2.309  8.352   5.870   1.00 26.12 ? 79  LEU A CA  1 
ATOM   496 C C   . LEU A 1 79  ? -2.000  7.627   4.569   1.00 28.09 ? 79  LEU A C   1 
ATOM   497 O O   . LEU A 1 79  ? -1.495  8.232   3.604   1.00 28.42 ? 79  LEU A O   1 
ATOM   498 C CB  . LEU A 1 79  ? -3.479  9.323   5.628   1.00 24.51 ? 79  LEU A CB  1 
ATOM   499 C CG  . LEU A 1 79  ? -4.717  8.637   4.999   1.00 23.40 ? 79  LEU A CG  1 
ATOM   500 C CD1 . LEU A 1 79  ? -5.493  7.846   6.037   1.00 21.63 ? 79  LEU A CD1 1 
ATOM   501 C CD2 . LEU A 1 79  ? -5.643  9.648   4.350   1.00 25.90 ? 79  LEU A CD2 1 
ATOM   502 N N   . LEU A 1 80  ? -2.293  6.332   4.549   1.00 24.96 ? 80  LEU A N   1 
ATOM   503 C CA  . LEU A 1 80  ? -2.098  5.527   3.350   1.00 24.24 ? 80  LEU A CA  1 
ATOM   504 C C   . LEU A 1 80  ? -3.451  5.179   2.764   1.00 21.24 ? 80  LEU A C   1 
ATOM   505 O O   . LEU A 1 80  ? -4.320  4.731   3.502   1.00 20.69 ? 80  LEU A O   1 
ATOM   506 C CB  . LEU A 1 80  ? -1.380  4.216   3.665   1.00 19.66 ? 80  LEU A CB  1 
ATOM   507 C CG  . LEU A 1 80  ? -1.481  3.233   2.494   1.00 18.96 ? 80  LEU A CG  1 
ATOM   508 C CD1 . LEU A 1 80  ? -0.289  3.328   1.531   1.00 14.75 ? 80  LEU A CD1 1 
ATOM   509 C CD2 . LEU A 1 80  ? -1.624  1.853   3.051   1.00 17.48 ? 80  LEU A CD2 1 
ATOM   510 N N   . THR A 1 81  ? -3.652  5.460   1.475   1.00 19.81 ? 81  THR A N   1 
ATOM   511 C CA  . THR A 1 81  ? -4.889  5.073   0.797   1.00 18.57 ? 81  THR A CA  1 
ATOM   512 C C   . THR A 1 81  ? -4.556  4.160   -0.393  1.00 20.42 ? 81  THR A C   1 
ATOM   513 O O   . THR A 1 81  ? -3.477  4.271   -0.995  1.00 16.89 ? 81  THR A O   1 
ATOM   514 C CB  . THR A 1 81  ? -5.677  6.246   0.251   1.00 15.77 ? 81  THR A CB  1 
ATOM   515 O OG1 . THR A 1 81  ? -4.992  6.810   -0.872  1.00 15.51 ? 81  THR A OG1 1 
ATOM   516 C CG2 . THR A 1 81  ? -5.911  7.279   1.309   1.00 22.87 ? 81  THR A CG2 1 
ATOM   517 N N   . VAL A 1 82  ? -5.483  3.252   -0.704  1.00 21.67 ? 82  VAL A N   1 
ATOM   518 C CA  . VAL A 1 82  ? -5.370  2.306   -1.827  1.00 20.92 ? 82  VAL A CA  1 
ATOM   519 C C   . VAL A 1 82  ? -6.752  2.131   -2.467  1.00 17.51 ? 82  VAL A C   1 
ATOM   520 O O   . VAL A 1 82  ? -7.709  1.745   -1.796  1.00 18.69 ? 82  VAL A O   1 
ATOM   521 C CB  . VAL A 1 82  ? -4.896  0.902   -1.390  1.00 20.36 ? 82  VAL A CB  1 
ATOM   522 C CG1 . VAL A 1 82  ? -4.777  -0.004  -2.640  1.00 14.25 ? 82  VAL A CG1 1 
ATOM   523 C CG2 . VAL A 1 82  ? -3.577  0.987   -0.632  1.00 12.56 ? 82  VAL A CG2 1 
ATOM   524 N N   . ASP A 1 83  ? -6.845  2.399   -3.759  1.00 14.81 ? 83  ASP A N   1 
ATOM   525 C CA  . ASP A 1 83  ? -8.101  2.291   -4.482  1.00 17.03 ? 83  ASP A CA  1 
ATOM   526 C C   . ASP A 1 83  ? -7.920  1.571   -5.803  1.00 18.01 ? 83  ASP A C   1 
ATOM   527 O O   . ASP A 1 83  ? -6.814  1.502   -6.327  1.00 19.67 ? 83  ASP A O   1 
ATOM   528 C CB  . ASP A 1 83  ? -8.676  3.675   -4.738  1.00 16.77 ? 83  ASP A CB  1 
ATOM   529 C CG  . ASP A 1 83  ? -9.006  4.401   -3.463  1.00 22.12 ? 83  ASP A CG  1 
ATOM   530 O OD1 . ASP A 1 83  ? -9.968  4.005   -2.780  1.00 26.93 ? 83  ASP A OD1 1 
ATOM   531 O OD2 . ASP A 1 83  ? -8.295  5.372   -3.137  1.00 29.80 ? 83  ASP A OD2 1 
ATOM   532 N N   . GLY A 1 84  ? -9.007  1.019   -6.329  1.00 22.15 ? 84  GLY A N   1 
ATOM   533 C CA  . GLY A 1 84  ? -8.941  0.310   -7.597  1.00 25.51 ? 84  GLY A CA  1 
ATOM   534 C C   . GLY A 1 84  ? -9.559  -1.074  -7.552  1.00 27.95 ? 84  GLY A C   1 
ATOM   535 O O   . GLY A 1 84  ? -10.514 -1.316  -6.799  1.00 26.45 ? 84  GLY A O   1 
ATOM   536 N N   . VAL A 1 85  ? -8.999  -1.997  -8.330  1.00 27.43 ? 85  VAL A N   1 
ATOM   537 C CA  . VAL A 1 85  ? -9.519  -3.360  -8.383  1.00 25.52 ? 85  VAL A CA  1 
ATOM   538 C C   . VAL A 1 85  ? -8.469  -4.423  -8.134  1.00 23.61 ? 85  VAL A C   1 
ATOM   539 O O   . VAL A 1 85  ? -7.367  -4.327  -8.671  1.00 20.31 ? 85  VAL A O   1 
ATOM   540 C CB  . VAL A 1 85  ? -10.147 -3.644  -9.763  1.00 24.74 ? 85  VAL A CB  1 
ATOM   541 C CG1 . VAL A 1 85  ? -11.351 -2.745  -9.980  1.00 28.01 ? 85  VAL A CG1 1 
ATOM   542 C CG2 . VAL A 1 85  ? -9.148  -3.346  -10.849 1.00 30.21 ? 85  VAL A CG2 1 
ATOM   543 N N   . TRP A 1 86  ? -8.779  -5.387  -7.264  1.00 18.78 ? 86  TRP A N   1 
ATOM   544 C CA  . TRP A 1 86  ? -7.871  -6.503  -7.032  1.00 20.37 ? 86  TRP A CA  1 
ATOM   545 C C   . TRP A 1 86  ? -8.571  -7.784  -7.469  1.00 24.26 ? 86  TRP A C   1 
ATOM   546 O O   . TRP A 1 86  ? -9.516  -8.226  -6.803  1.00 24.08 ? 86  TRP A O   1 
ATOM   547 C CB  . TRP A 1 86  ? -7.462  -6.664  -5.573  1.00 19.06 ? 86  TRP A CB  1 
ATOM   548 C CG  . TRP A 1 86  ? -6.499  -7.800  -5.442  1.00 13.44 ? 86  TRP A CG  1 
ATOM   549 C CD1 . TRP A 1 86  ? -6.757  -9.061  -4.990  1.00 14.71 ? 86  TRP A CD1 1 
ATOM   550 C CD2 . TRP A 1 86  ? -5.137  -7.788  -5.835  1.00 19.06 ? 86  TRP A CD2 1 
ATOM   551 N NE1 . TRP A 1 86  ? -5.632  -9.842  -5.072  1.00 11.69 ? 86  TRP A NE1 1 
ATOM   552 C CE2 . TRP A 1 86  ? -4.620  -9.083  -5.589  1.00 16.01 ? 86  TRP A CE2 1 
ATOM   553 C CE3 . TRP A 1 86  ? -4.292  -6.811  -6.384  1.00 21.71 ? 86  TRP A CE3 1 
ATOM   554 C CZ2 . TRP A 1 86  ? -3.292  -9.418  -5.868  1.00 23.52 ? 86  TRP A CZ2 1 
ATOM   555 C CZ3 . TRP A 1 86  ? -2.966  -7.145  -6.668  1.00 22.67 ? 86  TRP A CZ3 1 
ATOM   556 C CH2 . TRP A 1 86  ? -2.479  -8.435  -6.409  1.00 28.53 ? 86  TRP A CH2 1 
ATOM   557 N N   . GLN A 1 87  ? -8.100  -8.386  -8.565  1.00 23.58 ? 87  GLN A N   1 
ATOM   558 C CA  . GLN A 1 87  ? -8.692  -9.610  -9.107  1.00 27.15 ? 87  GLN A CA  1 
ATOM   559 C C   . GLN A 1 87  ? -10.204 -9.493  -9.309  1.00 25.38 ? 87  GLN A C   1 
ATOM   560 O O   . GLN A 1 87  ? -10.980 -10.271 -8.755  1.00 27.13 ? 87  GLN A O   1 
ATOM   561 C CB  . GLN A 1 87  ? -8.370  -10.828 -8.230  1.00 28.07 ? 87  GLN A CB  1 
ATOM   562 C CG  . GLN A 1 87  ? -7.165  -11.621 -8.709  1.00 43.04 ? 87  GLN A CG  1 
ATOM   563 C CD  . GLN A 1 87  ? -6.727  -12.698 -7.718  1.00 52.53 ? 87  GLN A CD  1 
ATOM   564 O OE1 . GLN A 1 87  ? -5.670  -12.583 -7.073  1.00 59.86 ? 87  GLN A OE1 1 
ATOM   565 N NE2 . GLN A 1 87  ? -7.541  -13.740 -7.576  1.00 50.03 ? 87  GLN A NE2 1 
ATOM   566 N N   . GLY A 1 88  ? -10.615 -8.482  -10.060 1.00 21.48 ? 88  GLY A N   1 
ATOM   567 C CA  . GLY A 1 88  ? -12.021 -8.294  -10.344 1.00 20.36 ? 88  GLY A CA  1 
ATOM   568 C C   . GLY A 1 88  ? -12.881 -7.745  -9.230  1.00 21.32 ? 88  GLY A C   1 
ATOM   569 O O   . GLY A 1 88  ? -14.076 -7.499  -9.427  1.00 21.07 ? 88  GLY A O   1 
ATOM   570 N N   . LYS A 1 89  ? -12.301 -7.553  -8.054  1.00 22.26 ? 89  LYS A N   1 
ATOM   571 C CA  . LYS A 1 89  ? -13.068 -7.012  -6.945  1.00 22.52 ? 89  LYS A CA  1 
ATOM   572 C C   . LYS A 1 89  ? -12.608 -5.587  -6.603  1.00 22.57 ? 89  LYS A C   1 
ATOM   573 O O   . LYS A 1 89  ? -11.407 -5.324  -6.514  1.00 23.93 ? 89  LYS A O   1 
ATOM   574 C CB  . LYS A 1 89  ? -12.896 -7.911  -5.746  1.00 21.17 ? 89  LYS A CB  1 
ATOM   575 C CG  . LYS A 1 89  ? -13.840 -7.618  -4.626  1.00 26.00 ? 89  LYS A CG  1 
ATOM   576 C CD  . LYS A 1 89  ? -13.276 -8.190  -3.341  1.00 38.66 ? 89  LYS A CD  1 
ATOM   577 C CE  . LYS A 1 89  ? -12.389 -9.423  -3.606  1.00 47.89 ? 89  LYS A CE  1 
ATOM   578 N NZ  . LYS A 1 89  ? -13.069 -10.549 -4.336  1.00 53.30 ? 89  LYS A NZ  1 
ATOM   579 N N   . ARG A 1 90  ? -13.565 -4.678  -6.419  1.00 21.99 ? 90  ARG A N   1 
ATOM   580 C CA  . ARG A 1 90  ? -13.266 -3.284  -6.089  1.00 22.45 ? 90  ARG A CA  1 
ATOM   581 C C   . ARG A 1 90  ? -12.638 -3.152  -4.709  1.00 25.90 ? 90  ARG A C   1 
ATOM   582 O O   . ARG A 1 90  ? -13.090 -3.779  -3.735  1.00 24.09 ? 90  ARG A O   1 
ATOM   583 C CB  . ARG A 1 90  ? -14.518 -2.417  -6.178  1.00 19.05 ? 90  ARG A CB  1 
ATOM   584 C CG  . ARG A 1 90  ? -15.084 -2.434  -7.555  1.00 21.50 ? 90  ARG A CG  1 
ATOM   585 C CD  . ARG A 1 90  ? -16.111 -1.379  -7.799  1.00 25.06 ? 90  ARG A CD  1 
ATOM   586 N NE  . ARG A 1 90  ? -16.140 -1.115  -9.232  1.00 29.24 ? 90  ARG A NE  1 
ATOM   587 C CZ  . ARG A 1 90  ? -17.238 -1.059  -9.966  1.00 32.30 ? 90  ARG A CZ  1 
ATOM   588 N NH1 . ARG A 1 90  ? -18.420 -1.207  -9.394  1.00 40.64 ? 90  ARG A NH1 1 
ATOM   589 N NH2 . ARG A 1 90  ? -17.155 -0.832  -11.270 1.00 35.54 ? 90  ARG A NH2 1 
ATOM   590 N N   . VAL A 1 91  ? -11.582 -2.340  -4.655  1.00 26.20 ? 91  VAL A N   1 
ATOM   591 C CA  . VAL A 1 91  ? -10.803 -2.082  -3.448  1.00 24.37 ? 91  VAL A CA  1 
ATOM   592 C C   . VAL A 1 91  ? -10.917 -0.609  -3.045  1.00 22.80 ? 91  VAL A C   1 
ATOM   593 O O   . VAL A 1 91  ? -10.981 0.266   -3.901  1.00 27.43 ? 91  VAL A O   1 
ATOM   594 C CB  . VAL A 1 91  ? -9.341  -2.428  -3.704  1.00 23.18 ? 91  VAL A CB  1 
ATOM   595 C CG1 . VAL A 1 91  ? -8.463  -1.847  -2.631  1.00 31.65 ? 91  VAL A CG1 1 
ATOM   596 C CG2 . VAL A 1 91  ? -9.173  -3.918  -3.739  1.00 24.91 ? 91  VAL A CG2 1 
ATOM   597 N N   . SER A 1 92  ? -11.029 -0.346  -1.753  1.00 19.56 ? 92  SER A N   1 
ATOM   598 C CA  . SER A 1 92  ? -11.110 1.026   -1.244  1.00 23.18 ? 92  SER A CA  1 
ATOM   599 C C   . SER A 1 92  ? -10.696 0.921   0.206   1.00 25.89 ? 92  SER A C   1 
ATOM   600 O O   . SER A 1 92  ? -11.517 0.575   1.064   1.00 29.05 ? 92  SER A O   1 
ATOM   601 C CB  . SER A 1 92  ? -12.527 1.557   -1.340  1.00 24.02 ? 92  SER A CB  1 
ATOM   602 O OG  . SER A 1 92  ? -12.512 2.966   -1.463  1.00 30.75 ? 92  SER A OG  1 
ATOM   603 N N   . TYR A 1 93  ? -9.415  1.196   0.459   1.00 25.68 ? 93  TYR A N   1 
ATOM   604 C CA  . TYR A 1 93  ? -8.794  1.068   1.782   1.00 26.84 ? 93  TYR A CA  1 
ATOM   605 C C   . TYR A 1 93  ? -7.937  2.283   2.170   1.00 30.62 ? 93  TYR A C   1 
ATOM   606 O O   . TYR A 1 93  ? -7.402  2.994   1.320   1.00 31.82 ? 93  TYR A O   1 
ATOM   607 C CB  . TYR A 1 93  ? -7.925  -0.196  1.741   1.00 23.85 ? 93  TYR A CB  1 
ATOM   608 C CG  . TYR A 1 93  ? -7.078  -0.521  2.935   1.00 23.28 ? 93  TYR A CG  1 
ATOM   609 C CD1 . TYR A 1 93  ? -7.602  -1.230  4.014   1.00 25.26 ? 93  TYR A CD1 1 
ATOM   610 C CD2 . TYR A 1 93  ? -5.706  -0.252  2.933   1.00 24.91 ? 93  TYR A CD2 1 
ATOM   611 C CE1 . TYR A 1 93  ? -6.780  -1.684  5.067   1.00 18.14 ? 93  TYR A CE1 1 
ATOM   612 C CE2 . TYR A 1 93  ? -4.876  -0.706  3.975   1.00 21.84 ? 93  TYR A CE2 1 
ATOM   613 C CZ  . TYR A 1 93  ? -5.431  -1.421  5.033   1.00 20.79 ? 93  TYR A CZ  1 
ATOM   614 O OH  . TYR A 1 93  ? -4.626  -1.898  6.038   1.00 26.11 ? 93  TYR A OH  1 
ATOM   615 N N   . GLU A 1 94  ? -7.859  2.553   3.461   1.00 31.18 ? 94  GLU A N   1 
ATOM   616 C CA  . GLU A 1 94  ? -7.051  3.652   3.936   1.00 30.08 ? 94  GLU A CA  1 
ATOM   617 C C   . GLU A 1 94  ? -6.759  3.365   5.371   1.00 29.58 ? 94  GLU A C   1 
ATOM   618 O O   . GLU A 1 94  ? -7.625  2.859   6.077   1.00 29.18 ? 94  GLU A O   1 
ATOM   619 C CB  . GLU A 1 94  ? -7.754  4.990   3.775   1.00 30.62 ? 94  GLU A CB  1 
ATOM   620 C CG  . GLU A 1 94  ? -8.822  5.320   4.753   1.00 30.40 ? 94  GLU A CG  1 
ATOM   621 C CD  . GLU A 1 94  ? -9.372  6.716   4.487   1.00 35.38 ? 94  GLU A CD  1 
ATOM   622 O OE1 . GLU A 1 94  ? -9.753  6.977   3.320   1.00 33.69 ? 94  GLU A OE1 1 
ATOM   623 O OE2 . GLU A 1 94  ? -9.399  7.555   5.422   1.00 34.49 ? 94  GLU A OE2 1 
ATOM   624 N N   . ARG A 1 95  ? -5.519  3.628   5.772   1.00 28.23 ? 95  ARG A N   1 
ATOM   625 C CA  . ARG A 1 95  ? -5.064  3.369   7.134   1.00 28.87 ? 95  ARG A CA  1 
ATOM   626 C C   . ARG A 1 95  ? -4.054  4.438   7.553   1.00 26.61 ? 95  ARG A C   1 
ATOM   627 O O   . ARG A 1 95  ? -3.275  4.916   6.730   1.00 27.79 ? 95  ARG A O   1 
ATOM   628 C CB  . ARG A 1 95  ? -4.401  2.002   7.161   1.00 23.07 ? 95  ARG A CB  1 
ATOM   629 C CG  . ARG A 1 95  ? -4.083  1.452   8.516   1.00 28.42 ? 95  ARG A CG  1 
ATOM   630 C CD  . ARG A 1 95  ? -3.158  0.279   8.299   1.00 36.29 ? 95  ARG A CD  1 
ATOM   631 N NE  . ARG A 1 95  ? -2.816  -0.469  9.502   1.00 42.05 ? 95  ARG A NE  1 
ATOM   632 C CZ  . ARG A 1 95  ? -2.520  -1.765  9.496   1.00 45.68 ? 95  ARG A CZ  1 
ATOM   633 N NH1 . ARG A 1 95  ? -2.568  -2.453  8.361   1.00 46.42 ? 95  ARG A NH1 1 
ATOM   634 N NH2 . ARG A 1 95  ? -2.207  -2.381  10.625  1.00 54.34 ? 95  ARG A NH2 1 
ATOM   635 N N   . VAL A 1 96  ? -4.098  4.850   8.815   1.00 28.45 ? 96  VAL A N   1 
ATOM   636 C CA  . VAL A 1 96  ? -3.150  5.849   9.308   1.00 24.78 ? 96  VAL A CA  1 
ATOM   637 C C   . VAL A 1 96  ? -2.087  5.115   10.091  1.00 21.93 ? 96  VAL A C   1 
ATOM   638 O O   . VAL A 1 96  ? -2.403  4.262   10.907  1.00 22.98 ? 96  VAL A O   1 
ATOM   639 C CB  . VAL A 1 96  ? -3.803  6.930   10.236  1.00 25.90 ? 96  VAL A CB  1 
ATOM   640 C CG1 . VAL A 1 96  ? -5.010  7.537   9.578   1.00 21.20 ? 96  VAL A CG1 1 
ATOM   641 C CG2 . VAL A 1 96  ? -4.182  6.348   11.591  1.00 26.65 ? 96  VAL A CG2 1 
ATOM   642 N N   . PHE A 1 97  ? -0.836  5.360   9.746   1.00 22.01 ? 97  PHE A N   1 
ATOM   643 C CA  . PHE A 1 97  ? 0.283   4.758   10.451  1.00 26.96 ? 97  PHE A CA  1 
ATOM   644 C C   . PHE A 1 97  ? 0.887   5.801   11.405  1.00 28.73 ? 97  PHE A C   1 
ATOM   645 O O   . PHE A 1 97  ? 0.702   7.008   11.203  1.00 28.40 ? 97  PHE A O   1 
ATOM   646 C CB  . PHE A 1 97  ? 1.306   4.260   9.443   1.00 25.47 ? 97  PHE A CB  1 
ATOM   647 C CG  . PHE A 1 97  ? 0.817   3.100   8.651   1.00 28.68 ? 97  PHE A CG  1 
ATOM   648 C CD1 . PHE A 1 97  ? 0.016   3.296   7.536   1.00 28.33 ? 97  PHE A CD1 1 
ATOM   649 C CD2 . PHE A 1 97  ? 1.122   1.796   9.042   1.00 28.12 ? 97  PHE A CD2 1 
ATOM   650 C CE1 . PHE A 1 97  ? -0.471  2.220   6.828   1.00 23.21 ? 97  PHE A CE1 1 
ATOM   651 C CE2 . PHE A 1 97  ? 0.634   0.719   8.333   1.00 23.53 ? 97  PHE A CE2 1 
ATOM   652 C CZ  . PHE A 1 97  ? -0.160  0.933   7.226   1.00 21.95 ? 97  PHE A CZ  1 
ATOM   653 N N   . SER A 1 98  ? 1.577   5.344   12.452  1.00 30.73 ? 98  SER A N   1 
ATOM   654 C CA  . SER A 1 98  ? 2.176   6.257   13.435  1.00 26.95 ? 98  SER A CA  1 
ATOM   655 C C   . SER A 1 98  ? 3.304   7.051   12.821  1.00 27.34 ? 98  SER A C   1 
ATOM   656 O O   . SER A 1 98  ? 3.586   8.162   13.250  1.00 29.76 ? 98  SER A O   1 
ATOM   657 C CB  . SER A 1 98  ? 2.675   5.499   14.671  1.00 23.66 ? 98  SER A CB  1 
ATOM   658 O OG  . SER A 1 98  ? 3.716   4.595   14.354  1.00 26.07 ? 98  SER A OG  1 
ATOM   659 N N   . ASN A 1 99  ? 3.920   6.490   11.788  1.00 31.19 ? 99  ASN A N   1 
ATOM   660 C CA  . ASN A 1 99  ? 5.029   7.138   11.091  1.00 37.00 ? 99  ASN A CA  1 
ATOM   661 C C   . ASN A 1 99  ? 5.417   6.324   9.839   1.00 36.27 ? 99  ASN A C   1 
ATOM   662 O O   . ASN A 1 99  ? 5.196   5.122   9.803   1.00 37.76 ? 99  ASN A O   1 
ATOM   663 C CB  . ASN A 1 99  ? 6.232   7.302   12.058  1.00 37.95 ? 99  ASN A CB  1 
ATOM   664 C CG  . ASN A 1 99  ? 6.641   5.990   12.742  1.00 38.54 ? 99  ASN A CG  1 
ATOM   665 O OD1 . ASN A 1 99  ? 7.385   5.198   12.176  1.00 42.38 ? 99  ASN A OD1 1 
ATOM   666 N ND2 . ASN A 1 99  ? 6.175   5.776   13.962  1.00 38.37 ? 99  ASN A ND2 1 
ATOM   667 N N   . GLU A 1 100 ? 5.986   6.961   8.819   1.00 36.52 ? 100 GLU A N   1 
ATOM   668 C CA  . GLU A 1 100 ? 6.385   6.243   7.597   1.00 38.65 ? 100 GLU A CA  1 
ATOM   669 C C   . GLU A 1 100 ? 7.149   4.925   7.816   1.00 39.24 ? 100 GLU A C   1 
ATOM   670 O O   . GLU A 1 100 ? 6.890   3.933   7.148   1.00 43.98 ? 100 GLU A O   1 
ATOM   671 C CB  . GLU A 1 100 ? 7.200   7.141   6.654   1.00 36.64 ? 100 GLU A CB  1 
ATOM   672 C CG  . GLU A 1 100 ? 6.365   8.181   5.919   1.00 50.43 ? 100 GLU A CG  1 
ATOM   673 C CD  . GLU A 1 100 ? 7.024   8.721   4.644   1.00 55.27 ? 100 GLU A CD  1 
ATOM   674 O OE1 . GLU A 1 100 ? 7.746   7.953   3.959   1.00 59.12 ? 100 GLU A OE1 1 
ATOM   675 O OE2 . GLU A 1 100 ? 6.791   9.914   4.311   1.00 56.88 ? 100 GLU A OE2 1 
ATOM   676 N N   . CYS A 1 101 ? 8.074   4.910   8.760   1.00 36.09 ? 101 CYS A N   1 
ATOM   677 C CA  . CYS A 1 101 ? 8.867   3.724   9.044   1.00 32.89 ? 101 CYS A CA  1 
ATOM   678 C C   . CYS A 1 101 ? 7.977   2.565   9.395   1.00 30.49 ? 101 CYS A C   1 
ATOM   679 O O   . CYS A 1 101 ? 8.321   1.409   9.160   1.00 32.44 ? 101 CYS A O   1 
ATOM   680 C CB  . CYS A 1 101 ? 9.822   4.001   10.213  1.00 36.03 ? 101 CYS A CB  1 
ATOM   681 S SG  . CYS A 1 101 ? 10.867  2.602   10.730  1.00 32.84 ? 101 CYS A SG  1 
ATOM   682 N N   . GLU A 1 102 ? 6.859   2.895   10.017  1.00 28.80 ? 102 GLU A N   1 
ATOM   683 C CA  . GLU A 1 102 ? 5.870   1.922   10.437  1.00 31.44 ? 102 GLU A CA  1 
ATOM   684 C C   . GLU A 1 102 ? 5.076   1.450   9.222   1.00 32.70 ? 102 GLU A C   1 
ATOM   685 O O   . GLU A 1 102 ? 4.775   0.258   9.071   1.00 37.83 ? 102 GLU A O   1 
ATOM   686 C CB  . GLU A 1 102 ? 4.925   2.564   11.439  1.00 28.38 ? 102 GLU A CB  1 
ATOM   687 C CG  . GLU A 1 102 ? 4.484   1.630   12.495  1.00 35.92 ? 102 GLU A CG  1 
ATOM   688 C CD  . GLU A 1 102 ? 5.566   1.354   13.501  1.00 38.86 ? 102 GLU A CD  1 
ATOM   689 O OE1 . GLU A 1 102 ? 6.530   0.614   13.202  1.00 40.37 ? 102 GLU A OE1 1 
ATOM   690 O OE2 . GLU A 1 102 ? 5.438   1.885   14.619  1.00 50.69 ? 102 GLU A OE2 1 
ATOM   691 N N   . MET A 1 103 ? 4.687   2.401   8.383   1.00 28.63 ? 103 MET A N   1 
ATOM   692 C CA  . MET A 1 103 ? 3.954   2.090   7.171   1.00 24.56 ? 103 MET A CA  1 
ATOM   693 C C   . MET A 1 103 ? 4.782   1.144   6.318   1.00 23.84 ? 103 MET A C   1 
ATOM   694 O O   . MET A 1 103 ? 4.323   0.072   5.937   1.00 25.09 ? 103 MET A O   1 
ATOM   695 C CB  . MET A 1 103 ? 3.672   3.357   6.371   1.00 23.44 ? 103 MET A CB  1 
ATOM   696 C CG  . MET A 1 103 ? 3.075   3.052   5.020   1.00 28.06 ? 103 MET A CG  1 
ATOM   697 S SD  . MET A 1 103 ? 2.718   4.484   4.064   1.00 30.77 ? 103 MET A SD  1 
ATOM   698 C CE  . MET A 1 103 ? 4.399   4.967   3.519   1.00 32.10 ? 103 MET A CE  1 
ATOM   699 N N   . ASN A 1 104 ? 6.025   1.536   6.069   1.00 23.93 ? 104 ASN A N   1 
ATOM   700 C CA  . ASN A 1 104 ? 6.948   0.767   5.248   1.00 26.66 ? 104 ASN A CA  1 
ATOM   701 C C   . ASN A 1 104 ? 7.328   -0.566  5.874   1.00 25.95 ? 104 ASN A C   1 
ATOM   702 O O   . ASN A 1 104 ? 8.056   -1.340  5.261   1.00 27.98 ? 104 ASN A O   1 
ATOM   703 C CB  . ASN A 1 104 ? 8.226   1.583   4.937   1.00 25.61 ? 104 ASN A CB  1 
ATOM   704 C CG  . ASN A 1 104 ? 7.948   2.852   4.130   1.00 27.38 ? 104 ASN A CG  1 
ATOM   705 O OD1 . ASN A 1 104 ? 7.051   3.622   4.466   1.00 31.79 ? 104 ASN A OD1 1 
ATOM   706 N ND2 . ASN A 1 104 ? 8.736   3.087   3.075   1.00 31.15 ? 104 ASN A ND2 1 
ATOM   707 N N   . ALA A 1 105 ? 6.853   -0.822  7.090   1.00 27.34 ? 105 ALA A N   1 
ATOM   708 C CA  . ALA A 1 105 ? 7.159   -2.071  7.792   1.00 30.56 ? 105 ALA A CA  1 
ATOM   709 C C   . ALA A 1 105 ? 6.053   -3.098  7.660   1.00 33.09 ? 105 ALA A C   1 
ATOM   710 O O   . ALA A 1 105 ? 6.169   -4.198  8.195   1.00 34.56 ? 105 ALA A O   1 
ATOM   711 C CB  . ALA A 1 105 ? 7.441   -1.811  9.260   1.00 28.49 ? 105 ALA A CB  1 
ATOM   712 N N   . HIS A 1 106 ? 4.946   -2.707  7.041   1.00 31.99 ? 106 HIS A N   1 
ATOM   713 C CA  . HIS A 1 106 ? 3.827   -3.610  6.825   1.00 37.67 ? 106 HIS A CA  1 
ATOM   714 C C   . HIS A 1 106 ? 3.953   -4.139  5.399   1.00 40.89 ? 106 HIS A C   1 
ATOM   715 O O   . HIS A 1 106 ? 3.695   -3.423  4.420   1.00 41.73 ? 106 HIS A O   1 
ATOM   716 C CB  . HIS A 1 106 ? 2.499   -2.883  7.024   1.00 38.14 ? 106 HIS A CB  1 
ATOM   717 C CG  . HIS A 1 106 ? 2.123   -2.702  8.459   1.00 40.16 ? 106 HIS A CG  1 
ATOM   718 N ND1 . HIS A 1 106 ? 2.366   -1.536  9.155   1.00 46.68 ? 106 HIS A ND1 1 
ATOM   719 C CD2 . HIS A 1 106 ? 1.477   -3.522  9.318   1.00 42.59 ? 106 HIS A CD2 1 
ATOM   720 C CE1 . HIS A 1 106 ? 1.874   -1.645  10.376  1.00 44.93 ? 106 HIS A CE1 1 
ATOM   721 N NE2 . HIS A 1 106 ? 1.330   -2.840  10.502  1.00 42.77 ? 106 HIS A NE2 1 
ATOM   722 N N   . GLY A 1 107 ? 4.374   -5.393  5.282   1.00 44.64 ? 107 GLY A N   1 
ATOM   723 C CA  . GLY A 1 107 ? 4.569   -5.973  3.968   1.00 47.30 ? 107 GLY A CA  1 
ATOM   724 C C   . GLY A 1 107 ? 5.879   -5.425  3.434   1.00 48.60 ? 107 GLY A C   1 
ATOM   725 O O   . GLY A 1 107 ? 6.103   -4.207  3.419   1.00 51.47 ? 107 GLY A O   1 
ATOM   726 N N   . SER A 1 108 ? 6.740   -6.313  2.970   1.00 42.11 ? 108 SER A N   1 
ATOM   727 C CA  . SER A 1 108 ? 8.035   -5.901  2.469   1.00 44.93 ? 108 SER A CA  1 
ATOM   728 C C   . SER A 1 108 ? 8.100   -4.702  1.515   1.00 45.23 ? 108 SER A C   1 
ATOM   729 O O   . SER A 1 108 ? 8.869   -3.782  1.758   1.00 46.93 ? 108 SER A O   1 
ATOM   730 C CB  . SER A 1 108 ? 8.732   -7.097  1.831   1.00 45.44 ? 108 SER A CB  1 
ATOM   731 O OG  . SER A 1 108 ? 7.857   -7.732  0.920   1.00 48.36 ? 108 SER A OG  1 
ATOM   732 N N   . SER A 1 109 ? 7.297   -4.698  0.447   1.00 45.19 ? 109 SER A N   1 
ATOM   733 C CA  . SER A 1 109 ? 7.365   -3.619  -0.540  1.00 42.64 ? 109 SER A CA  1 
ATOM   734 C C   . SER A 1 109 ? 6.078   -2.987  -1.067  1.00 42.21 ? 109 SER A C   1 
ATOM   735 O O   . SER A 1 109 ? 6.135   -2.101  -1.930  1.00 40.41 ? 109 SER A O   1 
ATOM   736 C CB  . SER A 1 109 ? 8.187   -4.091  -1.736  1.00 44.98 ? 109 SER A CB  1 
ATOM   737 O OG  . SER A 1 109 ? 9.425   -4.652  -1.320  1.00 50.46 ? 109 SER A OG  1 
ATOM   738 N N   . VAL A 1 110 ? 4.927   -3.430  -0.569  1.00 40.80 ? 110 VAL A N   1 
ATOM   739 C CA  . VAL A 1 110 ? 3.632   -2.879  -0.998  1.00 37.46 ? 110 VAL A CA  1 
ATOM   740 C C   . VAL A 1 110 ? 3.610   -1.357  -0.783  1.00 37.53 ? 110 VAL A C   1 
ATOM   741 O O   . VAL A 1 110 ? 3.475   -0.578  -1.723  1.00 34.96 ? 110 VAL A O   1 
ATOM   742 C CB  . VAL A 1 110 ? 2.447   -3.440  -0.159  1.00 35.51 ? 110 VAL A CB  1 
ATOM   743 C CG1 . VAL A 1 110 ? 1.151   -3.352  -0.942  1.00 25.82 ? 110 VAL A CG1 1 
ATOM   744 C CG2 . VAL A 1 110 ? 2.728   -4.834  0.324   1.00 35.34 ? 110 VAL A CG2 1 
ATOM   745 N N   . PHE A 1 111 ? 3.795   -0.960  0.470   1.00 38.42 ? 111 PHE A N   1 
ATOM   746 C CA  . PHE A 1 111 ? 3.769   0.433   0.878   1.00 36.08 ? 111 PHE A CA  1 
ATOM   747 C C   . PHE A 1 111 ? 5.106   1.156   0.861   1.00 34.47 ? 111 PHE A C   1 
ATOM   748 O O   . PHE A 1 111 ? 5.170   2.335   1.157   1.00 38.76 ? 111 PHE A O   1 
ATOM   749 C CB  . PHE A 1 111 ? 3.141   0.518   2.261   1.00 34.80 ? 111 PHE A CB  1 
ATOM   750 C CG  . PHE A 1 111 ? 1.794   -0.142  2.343   1.00 36.55 ? 111 PHE A CG  1 
ATOM   751 C CD1 . PHE A 1 111 ? 0.976   -0.216  1.215   1.00 32.50 ? 111 PHE A CD1 1 
ATOM   752 C CD2 . PHE A 1 111 ? 1.349   -0.703  3.538   1.00 31.87 ? 111 PHE A CD2 1 
ATOM   753 C CE1 . PHE A 1 111 ? -0.257  -0.838  1.281   1.00 29.91 ? 111 PHE A CE1 1 
ATOM   754 C CE2 . PHE A 1 111 ? 0.109   -1.328  3.614   1.00 30.94 ? 111 PHE A CE2 1 
ATOM   755 C CZ  . PHE A 1 111 ? -0.696  -1.395  2.485   1.00 32.63 ? 111 PHE A CZ  1 
ATOM   756 N N   . ALA A 1 112 ? 6.179   0.462   0.535   1.00 32.63 ? 112 ALA A N   1 
ATOM   757 C CA  . ALA A 1 112 ? 7.476   1.112   0.481   1.00 32.89 ? 112 ALA A CA  1 
ATOM   758 C C   . ALA A 1 112 ? 7.654   1.844   -0.837  1.00 33.17 ? 112 ALA A C   1 
ATOM   759 O O   . ALA A 1 112 ? 8.287   1.334   -1.763  1.00 37.48 ? 112 ALA A O   1 
ATOM   760 C CB  . ALA A 1 112 ? 8.593   0.104   0.682   1.00 38.99 ? 112 ALA A CB  1 
ATOM   761 N N   . PHE A 1 113 ? 7.056   3.025   -0.925  1.00 32.80 ? 113 PHE A N   1 
ATOM   762 C CA  . PHE A 1 113 ? 7.148   3.882   -2.107  1.00 30.40 ? 113 PHE A CA  1 
ATOM   763 C C   . PHE A 1 113 ? 7.109   5.349   -1.602  1.00 31.65 ? 113 PHE A C   1 
ATOM   764 O O   . PHE A 1 113 ? 7.165   6.282   -2.446  1.00 31.62 ? 113 PHE A O   1 
ATOM   765 C CB  . PHE A 1 113 ? 5.976   3.597   -3.077  1.00 25.43 ? 113 PHE A CB  1 
ATOM   766 C CG  . PHE A 1 113 ? 4.627   4.034   -2.554  1.00 17.63 ? 113 PHE A CG  1 
ATOM   767 C CD1 . PHE A 1 113 ? 3.889   3.214   -1.719  1.00 16.50 ? 113 PHE A CD1 1 
ATOM   768 C CD2 . PHE A 1 113 ? 4.120   5.292   -2.862  1.00 15.11 ? 113 PHE A CD2 1 
ATOM   769 C CE1 . PHE A 1 113 ? 2.653   3.647   -1.192  1.00 15.66 ? 113 PHE A CE1 1 
ATOM   770 C CE2 . PHE A 1 113 ? 2.898   5.727   -2.344  1.00 12.10 ? 113 PHE A CE2 1 
ATOM   771 C CZ  . PHE A 1 113 ? 2.169   4.906   -1.509  1.00 8.19  ? 113 PHE A CZ  1 
ATOM   772 O OXT . PHE A 1 113 ? 6.994   5.548   -0.358  1.00 23.37 ? 113 PHE A OXT 1 
HETATM 773 O O   . HOH B 2 .   ? 8.441   -7.434  18.941  1.00 41.27 ? 114 HOH A O   1 
HETATM 774 O O   . HOH B 2 .   ? 6.042   -1.772  2.435   1.00 48.47 ? 115 HOH A O   1 
HETATM 775 O O   . HOH B 2 .   ? -10.494 20.145  4.456   1.00 49.29 ? 116 HOH A O   1 
HETATM 776 O O   . HOH B 2 .   ? 7.555   6.520   -4.971  1.00 46.86 ? 117 HOH A O   1 
HETATM 777 O O   . HOH B 2 .   ? -9.910  -7.316  -17.545 1.00 32.49 ? 118 HOH A O   1 
HETATM 778 O O   . HOH B 2 .   ? -3.504  8.168   14.758  1.00 57.10 ? 119 HOH A O   1 
HETATM 779 O O   . HOH B 2 .   ? -1.673  -3.090  6.031   1.00 38.56 ? 120 HOH A O   1 
HETATM 780 O O   . HOH B 2 .   ? 1.937   14.314  10.282  1.00 21.29 ? 121 HOH A O   1 
HETATM 781 O O   . HOH B 2 .   ? -8.987  8.723   12.028  1.00 62.03 ? 122 HOH A O   1 
HETATM 782 O O   . HOH B 2 .   ? -14.715 3.922   -2.400  1.00 48.76 ? 123 HOH A O   1 
HETATM 783 O O   . HOH B 2 .   ? -0.992  -15.587 -6.671  1.00 70.54 ? 124 HOH A O   1 
HETATM 784 O O   . HOH B 2 .   ? -8.434  -15.333 -18.602 1.00 40.61 ? 125 HOH A O   1 
HETATM 785 O O   . HOH B 2 .   ? -3.529  -5.149  -17.171 1.00 34.03 ? 126 HOH A O   1 
HETATM 786 O O   . HOH B 2 .   ? 6.516   -1.813  -13.069 1.00 44.88 ? 127 HOH A O   1 
HETATM 787 O O   . HOH B 2 .   ? 9.422   13.340  13.013  1.00 29.93 ? 128 HOH A O   1 
HETATM 788 O O   . HOH B 2 .   ? 6.546   -0.732  -16.007 1.00 68.27 ? 129 HOH A O   1 
HETATM 789 O O   . HOH B 2 .   ? 14.727  2.448   12.368  1.00 37.24 ? 130 HOH A O   1 
HETATM 790 O O   . HOH B 2 .   ? -6.129  -5.259  -14.810 1.00 36.50 ? 131 HOH A O   1 
HETATM 791 O O   . HOH B 2 .   ? -7.800  4.713   12.998  1.00 42.88 ? 132 HOH A O   1 
HETATM 792 O O   . HOH B 2 .   ? 1.305   -11.064 -9.916  1.00 73.96 ? 133 HOH A O   1 
HETATM 793 O O   . HOH B 2 .   ? -11.788 11.795  5.567   1.00 75.65 ? 134 HOH A O   1 
HETATM 794 O O   . HOH B 2 .   ? 13.935  -2.922  17.848  1.00 75.33 ? 135 HOH A O   1 
HETATM 795 O O   . HOH B 2 .   ? -8.478  -13.450 -4.567  1.00 79.65 ? 136 HOH A O   1 
HETATM 796 O O   . HOH B 2 .   ? -5.772  5.970   -3.472  1.00 20.79 ? 137 HOH A O   1 
HETATM 797 O O   . HOH B 2 .   ? -2.575  9.614   1.442   1.00 26.55 ? 138 HOH A O   1 
HETATM 798 O O   . HOH B 2 .   ? -1.559  6.239   15.170  1.00 35.70 ? 139 HOH A O   1 
HETATM 799 O O   . HOH B 2 .   ? 0.789   15.674  3.981   1.00 35.36 ? 140 HOH A O   1 
HETATM 800 O O   . HOH B 2 .   ? 7.516   -10.605 -0.615  1.00 58.26 ? 141 HOH A O   1 
HETATM 801 O O   . HOH B 2 .   ? 10.253  4.469   0.699   1.00 37.08 ? 142 HOH A O   1 
HETATM 802 O O   . HOH B 2 .   ? 9.437   10.811  7.976   1.00 63.95 ? 143 HOH A O   1 
HETATM 803 O O   . HOH B 2 .   ? 7.410   3.823   15.638  1.00 29.14 ? 144 HOH A O   1 
# 
